data_8IBN
#
_entry.id   8IBN
#
_cell.length_a   1.00
_cell.length_b   1.00
_cell.length_c   1.00
_cell.angle_alpha   90.00
_cell.angle_beta   90.00
_cell.angle_gamma   90.00
#
_symmetry.space_group_name_H-M   'P 1'
#
loop_
_entity.id
_entity.type
_entity.pdbx_description
1 polymer 'Cell division protein FtsZ'
2 non-polymer 'PHOSPHOMETHYLPHOSPHONIC ACID GUANYLATE ESTER'
3 non-polymer 'POTASSIUM ION'
#
_entity_poly.entity_id   1
_entity_poly.type   'polypeptide(L)'
_entity_poly.pdbx_seq_one_letter_code
;GHMFEPMELTNDAVIKVIGVGGGGGNAVEHMVRERIEGVEFFAVNTDAQALRKTAVGQTIQIGSGITKGLGAGANPEVGR
NAADEDREALRAALDGADMVFIAAGMGGGTGTGAAPVVAEVAKDLGILTVAVVTKPFNFEGKKRMAFAEQGITELSKHVD
SLITIPNDKLLKVLGRGISLLDAFGAANDVLKGAVQGIAELITRPGLMNVDFADVRTVMSEMGYAMMGSGVASGEDRAEE
AAEMAISSPLLEDIDLSGARGVLVNITAGFDLRLDEFETVGNTIRAFASDNATVVIGTSLDPDMNDELRVTVVATGIGMD
KRPEITLVTNKQVQQPVMDRYQQHGMSPLTQEQKPAAKVVNDNTPQTAKEPDYLDIPAFLRKQAD
;
_entity_poly.pdbx_strand_id   A,B,C,D
#
# COMPACT_ATOMS: atom_id res chain seq x y z
N ALA A 13 -25.78 39.62 -29.51
CA ALA A 13 -25.22 40.92 -29.87
C ALA A 13 -26.31 41.82 -30.44
N VAL A 14 -25.95 42.60 -31.46
CA VAL A 14 -26.88 43.48 -32.16
C VAL A 14 -26.83 43.14 -33.65
N ILE A 15 -28.00 43.02 -34.27
CA ILE A 15 -28.12 42.52 -35.63
C ILE A 15 -29.01 43.45 -36.45
N LYS A 16 -28.86 43.34 -37.77
CA LYS A 16 -29.51 44.25 -38.71
C LYS A 16 -30.14 43.46 -39.83
N VAL A 17 -31.22 44.01 -40.40
CA VAL A 17 -31.84 43.48 -41.61
C VAL A 17 -32.00 44.62 -42.59
N ILE A 18 -31.38 44.52 -43.75
CA ILE A 18 -31.43 45.55 -44.77
C ILE A 18 -32.40 45.09 -45.86
N GLY A 19 -33.51 45.81 -46.00
CA GLY A 19 -34.53 45.45 -46.95
C GLY A 19 -34.68 46.47 -48.05
N VAL A 20 -34.19 46.14 -49.24
CA VAL A 20 -34.19 47.07 -50.37
C VAL A 20 -35.44 46.83 -51.21
N GLY A 21 -35.86 47.87 -51.91
CA GLY A 21 -37.02 47.76 -52.77
C GLY A 21 -38.33 47.81 -52.01
N GLY A 22 -39.41 47.77 -52.77
CA GLY A 22 -40.74 47.81 -52.19
C GLY A 22 -41.07 46.56 -51.38
N GLY A 23 -40.67 45.39 -51.89
CA GLY A 23 -40.87 44.16 -51.13
C GLY A 23 -40.06 44.12 -49.86
N GLY A 24 -38.83 44.64 -49.91
CA GLY A 24 -38.05 44.78 -48.69
C GLY A 24 -38.69 45.72 -47.70
N GLY A 25 -39.23 46.83 -48.18
CA GLY A 25 -39.96 47.73 -47.30
C GLY A 25 -41.21 47.10 -46.70
N ASN A 26 -41.89 46.26 -47.49
CA ASN A 26 -43.04 45.52 -46.97
C ASN A 26 -42.62 44.53 -45.87
N ALA A 27 -41.50 43.84 -46.08
CA ALA A 27 -40.99 42.96 -45.05
C ALA A 27 -40.63 43.73 -43.78
N VAL A 28 -39.97 44.88 -43.94
CA VAL A 28 -39.59 45.68 -42.77
C VAL A 28 -40.82 46.20 -42.03
N GLU A 29 -41.81 46.71 -42.75
CA GLU A 29 -43.00 47.24 -42.08
C GLU A 29 -43.82 46.12 -41.45
N HIS A 30 -43.65 44.90 -41.95
CA HIS A 30 -44.22 43.75 -41.27
C HIS A 30 -43.53 43.49 -39.94
N MET A 31 -42.19 43.54 -39.91
CA MET A 31 -41.49 43.25 -38.65
C MET A 31 -41.61 44.38 -37.62
N VAL A 32 -41.73 45.63 -38.07
CA VAL A 32 -41.86 46.76 -37.15
C VAL A 32 -43.21 46.67 -36.42
N ARG A 33 -43.21 47.11 -35.16
CA ARG A 33 -44.26 47.17 -34.13
C ARG A 33 -44.43 45.82 -33.42
N GLU A 34 -43.70 44.79 -33.83
CA GLU A 34 -43.60 43.59 -33.00
C GLU A 34 -42.66 43.84 -31.83
N ARG A 35 -42.56 42.86 -30.94
CA ARG A 35 -41.64 42.93 -29.81
C ARG A 35 -40.23 42.64 -30.32
N ILE A 36 -39.34 43.62 -30.19
CA ILE A 36 -38.03 43.58 -30.83
C ILE A 36 -36.97 43.64 -29.73
N GLU A 37 -35.99 42.73 -29.80
CA GLU A 37 -34.90 42.64 -28.83
C GLU A 37 -33.57 42.71 -29.57
N GLY A 38 -32.91 43.87 -29.49
CA GLY A 38 -31.57 44.01 -30.02
C GLY A 38 -31.47 44.01 -31.53
N VAL A 39 -32.54 44.32 -32.24
CA VAL A 39 -32.57 44.30 -33.69
C VAL A 39 -33.00 45.67 -34.19
N GLU A 40 -32.32 46.18 -35.21
CA GLU A 40 -32.73 47.41 -35.87
C GLU A 40 -32.95 47.14 -37.35
N PHE A 41 -33.87 47.88 -37.94
CA PHE A 41 -34.26 47.70 -39.33
C PHE A 41 -34.02 48.99 -40.13
N PHE A 42 -33.53 48.81 -41.35
CA PHE A 42 -33.25 49.92 -42.25
C PHE A 42 -34.00 49.68 -43.56
N ALA A 43 -34.74 50.69 -44.00
CA ALA A 43 -35.59 50.60 -45.18
C ALA A 43 -34.94 51.31 -46.35
N VAL A 44 -34.78 50.62 -47.47
CA VAL A 44 -34.13 51.13 -48.66
C VAL A 44 -35.09 51.07 -49.82
N ASN A 45 -35.28 52.20 -50.51
CA ASN A 45 -36.09 52.23 -51.72
C ASN A 45 -35.67 53.39 -52.61
N THR A 46 -35.42 53.10 -53.88
CA THR A 46 -35.18 54.16 -54.85
C THR A 46 -36.44 55.00 -55.07
N ASP A 47 -37.59 54.35 -55.10
CA ASP A 47 -38.86 55.05 -55.18
C ASP A 47 -39.30 55.43 -53.78
N ALA A 48 -39.51 56.73 -53.55
CA ALA A 48 -39.91 57.21 -52.23
C ALA A 48 -41.39 57.06 -51.97
N GLN A 49 -42.18 56.63 -52.97
CA GLN A 49 -43.62 56.51 -52.81
C GLN A 49 -43.99 55.46 -51.77
N ALA A 50 -43.26 54.35 -51.75
CA ALA A 50 -43.50 53.34 -50.72
C ALA A 50 -42.96 53.79 -49.37
N LEU A 51 -41.92 54.63 -49.38
CA LEU A 51 -41.38 55.19 -48.14
C LEU A 51 -42.22 56.33 -47.59
N ARG A 52 -43.23 56.79 -48.34
CA ARG A 52 -44.11 57.85 -47.85
C ARG A 52 -44.87 57.42 -46.60
N LYS A 53 -45.43 56.21 -46.63
CA LYS A 53 -46.25 55.69 -45.54
C LYS A 53 -45.71 54.34 -45.11
N THR A 54 -44.87 54.33 -44.09
CA THR A 54 -44.36 53.09 -43.50
C THR A 54 -44.41 53.20 -41.98
N ALA A 55 -44.55 52.05 -41.33
CA ALA A 55 -44.53 51.98 -39.87
C ALA A 55 -43.12 52.02 -39.31
N VAL A 56 -42.10 51.77 -40.14
CA VAL A 56 -40.71 51.82 -39.69
C VAL A 56 -40.31 53.27 -39.45
N GLY A 57 -39.62 53.52 -38.35
CA GLY A 57 -39.31 54.86 -37.92
C GLY A 57 -38.15 55.53 -38.60
N GLN A 58 -37.45 54.84 -39.49
CA GLN A 58 -36.31 55.43 -40.17
C GLN A 58 -36.36 55.02 -41.64
N THR A 59 -36.02 55.95 -42.53
CA THR A 59 -36.10 55.69 -43.96
C THR A 59 -34.79 56.10 -44.63
N ILE A 60 -34.43 55.37 -45.70
CA ILE A 60 -33.26 55.69 -46.51
C ILE A 60 -33.71 55.78 -47.96
N GLN A 61 -33.44 56.91 -48.60
CA GLN A 61 -33.73 57.10 -50.02
C GLN A 61 -32.41 57.05 -50.79
N ILE A 62 -32.32 56.13 -51.74
CA ILE A 62 -31.13 55.93 -52.55
C ILE A 62 -31.44 56.29 -54.00
N GLY A 63 -30.60 57.13 -54.60
CA GLY A 63 -30.87 57.64 -55.92
C GLY A 63 -31.77 58.85 -55.94
N SER A 64 -31.77 59.65 -54.87
CA SER A 64 -32.62 60.82 -54.79
C SER A 64 -32.22 61.91 -55.76
N GLY A 65 -30.98 61.90 -56.24
CA GLY A 65 -30.53 62.87 -57.22
C GLY A 65 -30.60 62.34 -58.64
N ILE A 66 -30.87 61.04 -58.77
CA ILE A 66 -30.93 60.40 -60.08
C ILE A 66 -32.35 60.05 -60.49
N THR A 67 -33.31 60.05 -59.57
CA THR A 67 -34.70 59.71 -59.89
C THR A 67 -35.72 60.72 -59.38
N LYS A 68 -35.34 61.65 -58.50
CA LYS A 68 -36.26 62.58 -57.82
C LYS A 68 -37.35 61.82 -57.07
N GLY A 69 -37.00 60.68 -56.48
CA GLY A 69 -37.95 59.89 -55.74
C GLY A 69 -38.86 59.02 -56.57
N LEU A 70 -38.37 58.46 -57.68
CA LEU A 70 -39.14 57.55 -58.52
C LEU A 70 -38.45 56.19 -58.58
N GLY A 71 -39.12 55.25 -59.24
CA GLY A 71 -38.64 53.89 -59.32
C GLY A 71 -37.58 53.69 -60.39
N ALA A 72 -37.07 52.46 -60.43
CA ALA A 72 -36.01 52.11 -61.36
C ALA A 72 -36.52 51.62 -62.71
N GLY A 73 -37.84 51.45 -62.85
CA GLY A 73 -38.39 51.03 -64.13
C GLY A 73 -38.13 49.56 -64.43
N ALA A 74 -38.33 49.21 -65.71
CA ALA A 74 -38.14 47.85 -66.17
C ALA A 74 -36.68 47.50 -66.42
N ASN A 75 -35.78 48.47 -66.35
CA ASN A 75 -34.36 48.21 -66.51
C ASN A 75 -33.70 48.23 -65.14
N PRO A 76 -33.13 47.13 -64.67
CA PRO A 76 -32.48 47.12 -63.35
C PRO A 76 -31.17 47.89 -63.30
N GLU A 77 -30.64 48.31 -64.46
CA GLU A 77 -29.42 49.11 -64.47
C GLU A 77 -29.63 50.46 -63.79
N VAL A 78 -30.84 51.02 -63.84
CA VAL A 78 -31.12 52.28 -63.17
C VAL A 78 -31.00 52.13 -61.66
N GLY A 79 -31.59 51.07 -61.11
CA GLY A 79 -31.46 50.81 -59.68
C GLY A 79 -30.04 50.47 -59.27
N ARG A 80 -29.33 49.72 -60.12
CA ARG A 80 -27.92 49.40 -59.85
C ARG A 80 -27.07 50.66 -59.81
N ASN A 81 -27.29 51.58 -60.76
CA ASN A 81 -26.52 52.82 -60.80
C ASN A 81 -26.87 53.73 -59.62
N ALA A 82 -28.15 53.77 -59.23
CA ALA A 82 -28.55 54.58 -58.08
C ALA A 82 -27.91 54.06 -56.80
N ALA A 83 -27.89 52.74 -56.61
CA ALA A 83 -27.25 52.18 -55.44
C ALA A 83 -25.74 52.35 -55.49
N ASP A 84 -25.16 52.28 -56.69
CA ASP A 84 -23.72 52.48 -56.84
C ASP A 84 -23.33 53.91 -56.49
N GLU A 85 -24.16 54.89 -56.87
CA GLU A 85 -23.82 56.28 -56.56
C GLU A 85 -24.23 56.69 -55.15
N ASP A 86 -25.08 55.92 -54.47
CA ASP A 86 -25.33 56.16 -53.05
C ASP A 86 -24.73 55.08 -52.15
N ARG A 87 -23.71 54.38 -52.65
CA ARG A 87 -22.87 53.55 -51.80
C ARG A 87 -22.29 54.31 -50.60
N GLU A 88 -22.03 55.60 -50.77
CA GLU A 88 -21.55 56.44 -49.67
C GLU A 88 -22.58 56.49 -48.53
N ALA A 89 -23.86 56.60 -48.87
CA ALA A 89 -24.92 56.53 -47.88
C ALA A 89 -25.18 55.11 -47.39
N LEU A 90 -24.93 54.12 -48.23
CA LEU A 90 -25.12 52.72 -47.84
C LEU A 90 -24.13 52.30 -46.76
N ARG A 91 -22.88 52.76 -46.87
CA ARG A 91 -21.85 52.34 -45.93
C ARG A 91 -22.09 52.89 -44.53
N ALA A 92 -22.64 54.10 -44.43
CA ALA A 92 -22.76 54.79 -43.15
C ALA A 92 -23.76 54.12 -42.22
N ALA A 93 -24.90 53.67 -42.78
CA ALA A 93 -25.93 53.06 -41.94
C ALA A 93 -25.56 51.67 -41.46
N LEU A 94 -24.61 51.01 -42.13
CA LEU A 94 -24.18 49.65 -41.76
C LEU A 94 -22.94 49.81 -40.88
N ASP A 95 -23.17 50.00 -39.59
CA ASP A 95 -22.08 50.21 -38.64
C ASP A 95 -22.42 49.56 -37.31
N GLY A 96 -21.41 48.95 -36.69
CA GLY A 96 -21.61 48.33 -35.40
C GLY A 96 -22.38 47.04 -35.43
N ALA A 97 -22.57 46.45 -36.60
CA ALA A 97 -23.33 45.21 -36.76
C ALA A 97 -22.39 44.08 -37.15
N ASP A 98 -22.86 42.85 -36.93
CA ASP A 98 -22.11 41.66 -37.31
C ASP A 98 -22.95 40.65 -38.07
N MET A 99 -24.22 40.94 -38.35
CA MET A 99 -25.08 40.05 -39.10
C MET A 99 -26.14 40.89 -39.81
N VAL A 100 -26.11 40.88 -41.13
CA VAL A 100 -27.09 41.61 -41.94
C VAL A 100 -27.79 40.64 -42.87
N PHE A 101 -29.05 40.94 -43.16
CA PHE A 101 -29.89 40.11 -44.01
C PHE A 101 -30.46 40.99 -45.11
N ILE A 102 -30.35 40.54 -46.35
CA ILE A 102 -30.77 41.30 -47.52
C ILE A 102 -32.15 40.81 -47.94
N ALA A 103 -33.16 41.65 -47.72
CA ALA A 103 -34.54 41.33 -48.03
C ALA A 103 -34.94 42.03 -49.33
N ALA A 104 -35.22 41.25 -50.37
CA ALA A 104 -35.57 41.82 -51.66
C ALA A 104 -36.37 40.81 -52.47
N GLY A 105 -37.15 41.33 -53.41
CA GLY A 105 -37.82 40.51 -54.39
C GLY A 105 -37.20 40.69 -55.76
N MET A 106 -36.51 39.67 -56.25
CA MET A 106 -35.76 39.78 -57.50
C MET A 106 -36.69 39.76 -58.71
N GLY A 107 -36.12 40.09 -59.87
CA GLY A 107 -36.84 40.17 -61.12
C GLY A 107 -37.22 41.57 -61.56
N GLY A 108 -37.11 42.56 -60.68
CA GLY A 108 -37.51 43.91 -60.98
C GLY A 108 -36.35 44.84 -61.24
N GLY A 109 -36.56 46.13 -61.00
CA GLY A 109 -35.55 47.12 -61.27
C GLY A 109 -34.65 47.49 -60.11
N THR A 110 -35.24 47.87 -58.98
CA THR A 110 -34.45 48.36 -57.85
C THR A 110 -33.73 47.23 -57.12
N GLY A 111 -34.49 46.24 -56.64
CA GLY A 111 -33.92 45.19 -55.81
C GLY A 111 -32.86 44.36 -56.54
N THR A 112 -33.11 44.06 -57.81
CA THR A 112 -32.16 43.31 -58.62
C THR A 112 -30.85 44.07 -58.80
N GLY A 113 -30.89 45.39 -58.76
CA GLY A 113 -29.68 46.18 -58.82
C GLY A 113 -29.17 46.59 -57.45
N ALA A 114 -30.05 47.05 -56.57
CA ALA A 114 -29.61 47.62 -55.30
C ALA A 114 -29.13 46.55 -54.33
N ALA A 115 -29.82 45.40 -54.28
CA ALA A 115 -29.41 44.35 -53.34
C ALA A 115 -27.99 43.81 -53.57
N PRO A 116 -27.52 43.56 -54.81
CA PRO A 116 -26.08 43.26 -54.95
C PRO A 116 -25.16 44.38 -54.51
N VAL A 117 -25.57 45.64 -54.61
CA VAL A 117 -24.72 46.74 -54.15
C VAL A 117 -24.66 46.77 -52.62
N VAL A 118 -25.78 46.53 -51.95
CA VAL A 118 -25.75 46.42 -50.49
C VAL A 118 -24.93 45.20 -50.08
N ALA A 119 -24.99 44.14 -50.88
CA ALA A 119 -24.12 42.97 -50.66
C ALA A 119 -22.65 43.33 -50.81
N GLU A 120 -22.32 44.16 -51.80
CA GLU A 120 -20.95 44.61 -52.00
C GLU A 120 -20.47 45.48 -50.85
N VAL A 121 -21.35 46.35 -50.34
CA VAL A 121 -21.03 47.13 -49.15
C VAL A 121 -20.80 46.23 -47.96
N ALA A 122 -21.65 45.21 -47.80
CA ALA A 122 -21.52 44.28 -46.68
C ALA A 122 -20.22 43.47 -46.77
N LYS A 123 -19.86 43.01 -47.97
CA LYS A 123 -18.63 42.25 -48.14
C LYS A 123 -17.40 43.14 -47.99
N ASP A 124 -17.50 44.42 -48.39
CA ASP A 124 -16.38 45.33 -48.23
C ASP A 124 -16.15 45.69 -46.78
N LEU A 125 -17.18 45.60 -45.94
CA LEU A 125 -17.09 45.97 -44.54
C LEU A 125 -16.80 44.80 -43.62
N GLY A 126 -16.54 43.61 -44.16
CA GLY A 126 -16.17 42.46 -43.35
C GLY A 126 -17.27 41.96 -42.44
N ILE A 127 -18.50 41.86 -42.95
CA ILE A 127 -19.65 41.46 -42.17
C ILE A 127 -20.26 40.22 -42.79
N LEU A 128 -21.02 39.48 -41.99
CA LEU A 128 -21.67 38.25 -42.43
C LEU A 128 -23.02 38.62 -43.04
N THR A 129 -23.18 38.35 -44.34
CA THR A 129 -24.38 38.72 -45.07
C THR A 129 -25.03 37.51 -45.70
N VAL A 130 -26.36 37.48 -45.63
CA VAL A 130 -27.18 36.43 -46.24
C VAL A 130 -28.33 37.13 -46.97
N ALA A 131 -28.56 36.76 -48.22
CA ALA A 131 -29.56 37.42 -49.05
C ALA A 131 -30.79 36.53 -49.20
N VAL A 132 -31.96 37.12 -49.00
CA VAL A 132 -33.25 36.45 -49.17
C VAL A 132 -33.90 37.03 -50.41
N VAL A 133 -34.19 36.16 -51.40
CA VAL A 133 -34.74 36.61 -52.67
C VAL A 133 -36.05 35.87 -52.95
N THR A 134 -36.86 36.46 -53.80
CA THR A 134 -38.09 35.84 -54.32
C THR A 134 -38.04 35.90 -55.84
N LYS A 135 -37.85 34.74 -56.48
CA LYS A 135 -37.94 34.68 -57.94
C LYS A 135 -39.39 34.92 -58.36
N PRO A 136 -39.62 35.69 -59.43
CA PRO A 136 -40.98 36.15 -59.73
C PRO A 136 -41.92 35.06 -60.23
N PHE A 137 -43.19 35.42 -60.41
CA PHE A 137 -44.19 34.48 -60.89
C PHE A 137 -43.96 34.13 -62.35
N ASN A 138 -44.49 32.97 -62.76
CA ASN A 138 -44.31 32.53 -64.13
C ASN A 138 -45.18 33.29 -65.10
N PHE A 139 -46.39 33.69 -64.67
CA PHE A 139 -47.31 34.37 -65.58
C PHE A 139 -46.89 35.80 -65.87
N GLU A 140 -46.05 36.40 -65.03
CA GLU A 140 -45.59 37.75 -65.26
C GLU A 140 -44.53 37.83 -66.37
N GLY A 141 -44.00 36.70 -66.81
CA GLY A 141 -43.09 36.66 -67.95
C GLY A 141 -41.95 35.69 -67.75
N LYS A 142 -41.42 35.18 -68.86
CA LYS A 142 -40.22 34.35 -68.86
C LYS A 142 -39.00 35.07 -69.41
N LYS A 143 -39.20 36.08 -70.25
CA LYS A 143 -38.09 36.92 -70.66
C LYS A 143 -37.53 37.69 -69.49
N ARG A 144 -38.38 38.10 -68.55
CA ARG A 144 -37.88 38.73 -67.34
C ARG A 144 -37.33 37.68 -66.37
N MET A 145 -37.83 36.44 -66.46
CA MET A 145 -37.23 35.35 -65.68
C MET A 145 -35.80 35.07 -66.14
N ALA A 146 -35.51 35.32 -67.41
CA ALA A 146 -34.13 35.18 -67.91
C ALA A 146 -33.17 36.10 -67.18
N PHE A 147 -33.51 37.39 -67.08
CA PHE A 147 -32.59 38.27 -66.36
C PHE A 147 -32.76 38.14 -64.84
N ALA A 148 -33.84 37.51 -64.39
CA ALA A 148 -33.90 37.10 -62.99
C ALA A 148 -32.87 36.02 -62.69
N GLU A 149 -32.71 35.06 -63.60
CA GLU A 149 -31.65 34.07 -63.49
C GLU A 149 -30.28 34.74 -63.58
N GLN A 150 -30.15 35.73 -64.48
CA GLN A 150 -28.90 36.50 -64.55
C GLN A 150 -28.63 37.27 -63.26
N GLY A 151 -29.67 37.79 -62.61
CA GLY A 151 -29.48 38.45 -61.32
C GLY A 151 -29.13 37.49 -60.21
N ILE A 152 -29.64 36.27 -60.26
CA ILE A 152 -29.21 35.23 -59.31
C ILE A 152 -27.73 34.92 -59.52
N THR A 153 -27.30 34.86 -60.79
CA THR A 153 -25.88 34.69 -61.08
C THR A 153 -25.06 35.87 -60.56
N GLU A 154 -25.59 37.09 -60.70
CA GLU A 154 -24.97 38.29 -60.14
C GLU A 154 -24.80 38.22 -58.63
N LEU A 155 -25.83 37.76 -57.91
CA LEU A 155 -25.78 37.65 -56.48
C LEU A 155 -25.00 36.44 -55.99
N SER A 156 -24.72 35.47 -56.87
CA SER A 156 -23.96 34.29 -56.48
C SER A 156 -22.49 34.60 -56.21
N LYS A 157 -21.97 35.73 -56.68
CA LYS A 157 -20.56 36.09 -56.51
C LYS A 157 -20.36 37.23 -55.52
N HIS A 158 -21.37 37.55 -54.72
CA HIS A 158 -21.23 38.62 -53.73
C HIS A 158 -21.83 38.31 -52.36
N VAL A 159 -22.62 37.25 -52.21
CA VAL A 159 -23.29 36.92 -50.96
C VAL A 159 -22.83 35.53 -50.53
N ASP A 160 -22.57 35.37 -49.23
CA ASP A 160 -22.17 34.07 -48.71
C ASP A 160 -23.28 33.03 -48.86
N SER A 161 -24.53 33.41 -48.57
CA SER A 161 -25.62 32.44 -48.53
C SER A 161 -26.85 32.97 -49.25
N LEU A 162 -27.37 32.18 -50.17
CA LEU A 162 -28.51 32.56 -50.99
C LEU A 162 -29.78 31.90 -50.46
N ILE A 163 -30.71 32.71 -49.97
CA ILE A 163 -32.03 32.26 -49.56
C ILE A 163 -33.00 32.63 -50.67
N THR A 164 -33.78 31.66 -51.13
CA THR A 164 -34.68 31.86 -52.25
C THR A 164 -36.10 31.49 -51.83
N ILE A 165 -37.05 32.37 -52.15
CA ILE A 165 -38.47 32.07 -51.94
C ILE A 165 -39.18 32.25 -53.27
N PRO A 166 -39.08 31.29 -54.20
CA PRO A 166 -39.65 31.49 -55.54
C PRO A 166 -41.16 31.59 -55.53
N ASN A 167 -41.69 32.46 -56.40
CA ASN A 167 -43.12 32.68 -56.49
C ASN A 167 -43.82 31.64 -57.35
N ASP A 168 -43.08 30.86 -58.12
CA ASP A 168 -43.67 29.77 -58.89
C ASP A 168 -44.14 28.63 -57.99
N LYS A 169 -43.58 28.52 -56.78
CA LYS A 169 -44.01 27.53 -55.80
C LYS A 169 -44.92 28.12 -54.74
N LEU A 170 -45.44 29.35 -54.96
CA LEU A 170 -46.33 29.98 -53.99
C LEU A 170 -47.72 29.39 -54.04
N LEU A 171 -48.23 29.09 -55.23
CA LEU A 171 -49.58 28.55 -55.38
C LEU A 171 -49.68 27.09 -54.99
N LYS A 172 -48.58 26.33 -55.11
CA LYS A 172 -48.61 24.91 -54.81
C LYS A 172 -48.72 24.63 -53.31
N VAL A 173 -48.48 25.63 -52.47
CA VAL A 173 -48.52 25.47 -51.03
C VAL A 173 -49.65 26.32 -50.47
N LEU A 174 -50.58 25.67 -49.78
CA LEU A 174 -51.82 26.26 -49.27
C LEU A 174 -52.58 26.92 -50.43
N GLY A 175 -53.04 26.08 -51.35
CA GLY A 175 -53.75 26.55 -52.52
C GLY A 175 -55.25 26.54 -52.36
N ARG A 176 -55.75 27.11 -51.26
CA ARG A 176 -57.19 27.21 -51.02
C ARG A 176 -57.74 28.57 -51.44
N GLY A 177 -57.17 29.16 -52.48
CA GLY A 177 -57.56 30.50 -52.87
C GLY A 177 -57.17 31.55 -51.85
N ILE A 178 -55.97 31.46 -51.29
CA ILE A 178 -55.53 32.45 -50.30
C ILE A 178 -55.29 33.79 -50.98
N SER A 179 -55.32 34.84 -50.18
CA SER A 179 -55.07 36.19 -50.68
C SER A 179 -53.61 36.33 -51.07
N LEU A 180 -53.34 37.31 -51.93
CA LEU A 180 -51.96 37.65 -52.28
C LEU A 180 -51.19 38.12 -51.05
N LEU A 181 -51.87 38.88 -50.18
CA LEU A 181 -51.29 39.32 -48.92
C LEU A 181 -50.93 38.14 -48.03
N ASP A 182 -51.70 37.05 -48.08
CA ASP A 182 -51.43 35.91 -47.21
C ASP A 182 -50.18 35.16 -47.63
N ALA A 183 -49.99 34.93 -48.93
CA ALA A 183 -48.76 34.31 -49.41
C ALA A 183 -47.56 35.22 -49.20
N PHE A 184 -47.74 36.53 -49.40
CA PHE A 184 -46.66 37.48 -49.14
C PHE A 184 -46.28 37.49 -47.66
N GLY A 185 -47.27 37.44 -46.77
CA GLY A 185 -46.99 37.36 -45.35
C GLY A 185 -46.40 36.03 -44.93
N ALA A 186 -46.70 34.96 -45.68
CA ALA A 186 -46.05 33.68 -45.41
C ALA A 186 -44.56 33.75 -45.72
N ALA A 187 -44.19 34.35 -46.85
CA ALA A 187 -42.78 34.54 -47.16
C ALA A 187 -42.11 35.48 -46.15
N ASN A 188 -42.85 36.51 -45.72
CA ASN A 188 -42.32 37.43 -44.72
C ASN A 188 -42.11 36.72 -43.39
N ASP A 189 -43.00 35.79 -43.02
CA ASP A 189 -42.79 34.97 -41.83
C ASP A 189 -41.63 34.00 -42.00
N VAL A 190 -41.35 33.54 -43.21
CA VAL A 190 -40.14 32.74 -43.43
C VAL A 190 -38.90 33.56 -43.10
N LEU A 191 -38.83 34.78 -43.62
CA LEU A 191 -37.66 35.62 -43.36
C LEU A 191 -37.58 36.02 -41.89
N LYS A 192 -38.72 36.31 -41.28
CA LYS A 192 -38.78 36.65 -39.86
C LYS A 192 -38.37 35.48 -38.99
N GLY A 193 -38.77 34.27 -39.37
CA GLY A 193 -38.35 33.09 -38.62
C GLY A 193 -36.86 32.85 -38.73
N ALA A 194 -36.29 33.11 -39.91
CA ALA A 194 -34.84 33.01 -40.09
C ALA A 194 -34.11 33.99 -39.17
N VAL A 195 -34.51 35.26 -39.22
CA VAL A 195 -33.88 36.31 -38.42
C VAL A 195 -34.04 36.02 -36.94
N GLN A 196 -35.23 35.63 -36.51
CA GLN A 196 -35.50 35.44 -35.10
C GLN A 196 -34.85 34.16 -34.58
N GLY A 197 -34.74 33.12 -35.42
CA GLY A 197 -33.99 31.95 -35.02
C GLY A 197 -32.53 32.26 -34.77
N ILE A 198 -31.91 33.05 -35.66
CA ILE A 198 -30.54 33.52 -35.42
C ILE A 198 -30.48 34.36 -34.14
N ALA A 199 -31.53 35.17 -33.90
CA ALA A 199 -31.54 36.07 -32.75
C ALA A 199 -31.53 35.32 -31.42
N GLU A 200 -32.54 34.48 -31.16
CA GLU A 200 -32.47 33.70 -29.93
C GLU A 200 -31.47 32.55 -29.98
N LEU A 201 -30.80 32.32 -31.10
CA LEU A 201 -29.59 31.50 -31.05
C LEU A 201 -28.47 32.25 -30.35
N ILE A 202 -28.12 33.43 -30.86
CA ILE A 202 -26.93 34.12 -30.34
C ILE A 202 -27.20 34.77 -28.99
N THR A 203 -28.43 35.20 -28.72
CA THR A 203 -28.72 35.93 -27.50
C THR A 203 -28.82 35.03 -26.28
N ARG A 204 -29.42 33.85 -26.41
CA ARG A 204 -29.65 32.97 -25.28
C ARG A 204 -28.37 32.27 -24.88
N PRO A 205 -27.96 32.34 -23.62
CA PRO A 205 -26.86 31.52 -23.04
C PRO A 205 -27.36 30.23 -22.39
N GLY A 206 -27.72 29.24 -23.20
CA GLY A 206 -28.34 28.04 -22.70
C GLY A 206 -27.37 27.13 -21.95
N LEU A 207 -27.91 25.96 -21.55
CA LEU A 207 -27.09 24.95 -20.88
C LEU A 207 -25.99 24.43 -21.80
N MET A 208 -26.33 24.18 -23.06
CA MET A 208 -25.36 24.13 -24.14
C MET A 208 -25.50 25.44 -24.91
N ASN A 209 -24.45 25.87 -25.60
CA ASN A 209 -24.40 27.25 -26.07
C ASN A 209 -23.71 27.32 -27.42
N VAL A 210 -24.44 27.77 -28.43
CA VAL A 210 -23.92 28.12 -29.75
C VAL A 210 -23.80 29.64 -29.80
N ASP A 211 -22.77 30.13 -30.48
CA ASP A 211 -22.47 31.56 -30.54
C ASP A 211 -22.01 31.88 -31.97
N PHE A 212 -21.36 33.03 -32.14
CA PHE A 212 -21.09 33.52 -33.48
C PHE A 212 -20.03 32.74 -34.25
N ALA A 213 -19.17 31.99 -33.57
CA ALA A 213 -18.00 31.43 -34.25
C ALA A 213 -18.37 30.27 -35.18
N ASP A 214 -19.04 29.25 -34.64
CA ASP A 214 -19.48 28.15 -35.48
C ASP A 214 -20.55 28.61 -36.46
N VAL A 215 -21.34 29.62 -36.09
CA VAL A 215 -22.26 30.25 -37.03
C VAL A 215 -21.50 30.78 -38.23
N ARG A 216 -20.44 31.56 -37.99
CA ARG A 216 -19.65 32.14 -39.06
C ARG A 216 -18.98 31.07 -39.91
N THR A 217 -18.52 29.99 -39.29
CA THR A 217 -17.85 28.96 -40.08
C THR A 217 -18.82 28.01 -40.77
N VAL A 218 -20.12 28.05 -40.48
CA VAL A 218 -21.05 27.14 -41.16
C VAL A 218 -21.41 27.65 -42.56
N MET A 219 -21.93 28.87 -42.67
CA MET A 219 -22.47 29.27 -43.97
C MET A 219 -21.42 29.90 -44.88
N SER A 220 -20.14 29.83 -44.50
CA SER A 220 -19.05 30.29 -45.35
C SER A 220 -18.68 29.28 -46.44
N GLU A 221 -19.52 28.29 -46.69
CA GLU A 221 -19.31 27.33 -47.77
C GLU A 221 -19.70 27.88 -49.13
N MET A 222 -20.26 29.09 -49.17
CA MET A 222 -20.52 29.85 -50.39
C MET A 222 -21.48 29.12 -51.33
N GLY A 223 -22.70 28.89 -50.83
CA GLY A 223 -23.72 28.22 -51.61
C GLY A 223 -25.12 28.60 -51.21
N TYR A 224 -26.11 27.89 -51.75
CA TYR A 224 -27.50 28.13 -51.38
C TYR A 224 -27.74 27.70 -49.93
N ALA A 225 -28.69 28.37 -49.29
CA ALA A 225 -28.95 28.18 -47.87
C ALA A 225 -30.43 27.96 -47.63
N MET A 226 -30.74 27.59 -46.38
CA MET A 226 -32.10 27.33 -45.95
C MET A 226 -32.11 27.52 -44.45
N MET A 227 -33.08 28.29 -43.93
CA MET A 227 -33.11 28.62 -42.52
C MET A 227 -34.56 28.69 -42.06
N GLY A 228 -35.02 27.65 -41.36
CA GLY A 228 -36.37 27.60 -40.86
C GLY A 228 -36.42 26.98 -39.47
N SER A 229 -37.54 27.19 -38.79
CA SER A 229 -37.69 26.76 -37.40
C SER A 229 -38.94 25.90 -37.28
N GLY A 230 -38.76 24.64 -36.88
CA GLY A 230 -39.85 23.72 -36.70
C GLY A 230 -40.21 23.60 -35.22
N VAL A 231 -41.50 23.71 -34.92
CA VAL A 231 -42.00 23.70 -33.56
C VAL A 231 -43.03 22.59 -33.44
N ALA A 232 -42.84 21.70 -32.47
CA ALA A 232 -43.81 20.64 -32.21
C ALA A 232 -43.92 20.40 -30.71
N SER A 233 -45.06 19.83 -30.32
CA SER A 233 -45.34 19.49 -28.93
C SER A 233 -46.17 18.21 -28.91
N GLY A 234 -45.73 17.23 -28.16
CA GLY A 234 -46.43 15.97 -28.08
C GLY A 234 -45.49 14.85 -27.67
N GLU A 235 -45.94 13.62 -27.92
CA GLU A 235 -45.14 12.45 -27.54
C GLU A 235 -43.96 12.26 -28.46
N ASP A 236 -44.15 12.43 -29.76
CA ASP A 236 -43.08 12.33 -30.75
C ASP A 236 -42.77 13.71 -31.33
N ARG A 237 -42.75 14.72 -30.46
CA ARG A 237 -42.53 16.10 -30.85
C ARG A 237 -41.15 16.35 -31.45
N ALA A 238 -40.19 15.45 -31.23
CA ALA A 238 -38.86 15.63 -31.84
C ALA A 238 -38.91 15.43 -33.35
N GLU A 239 -39.52 14.34 -33.80
CA GLU A 239 -39.57 14.05 -35.23
C GLU A 239 -40.42 15.07 -35.97
N GLU A 240 -41.54 15.48 -35.40
CA GLU A 240 -42.42 16.46 -36.05
C GLU A 240 -41.72 17.81 -36.17
N ALA A 241 -41.05 18.26 -35.10
CA ALA A 241 -40.35 19.54 -35.14
C ALA A 241 -39.16 19.50 -36.08
N ALA A 242 -38.39 18.41 -36.06
CA ALA A 242 -37.23 18.31 -36.94
C ALA A 242 -37.65 18.23 -38.40
N GLU A 243 -38.73 17.50 -38.70
CA GLU A 243 -39.18 17.40 -40.08
C GLU A 243 -39.86 18.68 -40.54
N MET A 244 -40.48 19.44 -39.63
CA MET A 244 -41.02 20.73 -40.01
C MET A 244 -39.90 21.74 -40.23
N ALA A 245 -38.82 21.63 -39.45
CA ALA A 245 -37.67 22.52 -39.62
C ALA A 245 -36.92 22.22 -40.91
N ILE A 246 -36.83 20.94 -41.30
CA ILE A 246 -36.11 20.62 -42.53
C ILE A 246 -36.97 20.80 -43.76
N SER A 247 -38.30 20.83 -43.62
CA SER A 247 -39.19 21.01 -44.75
C SER A 247 -39.30 22.50 -45.05
N SER A 248 -38.94 22.89 -46.27
CA SER A 248 -39.12 24.25 -46.76
C SER A 248 -39.99 24.15 -47.99
N PRO A 249 -41.32 24.24 -47.82
CA PRO A 249 -42.23 24.07 -48.96
C PRO A 249 -42.23 25.25 -49.92
N LEU A 250 -41.59 26.36 -49.56
CA LEU A 250 -41.61 27.59 -50.35
C LEU A 250 -40.40 27.73 -51.26
N LEU A 251 -39.81 26.61 -51.72
CA LEU A 251 -38.67 26.63 -52.63
C LEU A 251 -38.93 25.71 -53.81
N GLU A 252 -38.24 25.98 -54.93
CA GLU A 252 -38.31 25.16 -56.12
C GLU A 252 -37.82 23.75 -55.85
N ASP A 253 -36.52 23.62 -55.57
CA ASP A 253 -35.90 22.34 -55.25
C ASP A 253 -34.91 22.61 -54.12
N ILE A 254 -35.20 22.06 -52.95
CA ILE A 254 -34.37 22.35 -51.78
C ILE A 254 -32.98 21.73 -51.92
N ASP A 255 -32.90 20.54 -52.52
CA ASP A 255 -31.66 19.83 -52.83
C ASP A 255 -30.77 19.65 -51.60
N LEU A 256 -31.31 18.93 -50.62
CA LEU A 256 -30.59 18.69 -49.38
C LEU A 256 -29.36 17.80 -49.58
N SER A 257 -29.35 16.95 -50.61
CA SER A 257 -28.21 16.09 -50.86
C SER A 257 -27.01 16.92 -51.33
N GLY A 258 -25.84 16.56 -50.83
CA GLY A 258 -24.62 17.26 -51.20
C GLY A 258 -24.41 18.58 -50.48
N ALA A 259 -24.95 18.72 -49.27
CA ALA A 259 -24.74 19.93 -48.49
C ALA A 259 -23.32 19.99 -47.95
N ARG A 260 -22.88 21.20 -47.62
CA ARG A 260 -21.53 21.42 -47.11
C ARG A 260 -21.48 22.00 -45.71
N GLY A 261 -22.61 22.42 -45.14
CA GLY A 261 -22.63 22.94 -43.79
C GLY A 261 -23.98 22.84 -43.14
N VAL A 262 -24.04 22.32 -41.92
CA VAL A 262 -25.30 22.09 -41.21
C VAL A 262 -25.18 22.72 -39.83
N LEU A 263 -26.18 23.50 -39.44
CA LEU A 263 -26.22 24.13 -38.13
C LEU A 263 -27.59 23.88 -37.51
N VAL A 264 -27.62 23.26 -36.35
CA VAL A 264 -28.85 22.82 -35.69
C VAL A 264 -28.86 23.34 -34.27
N ASN A 265 -29.98 23.92 -33.86
CA ASN A 265 -30.22 24.33 -32.48
C ASN A 265 -31.42 23.58 -31.94
N ILE A 266 -31.32 23.09 -30.71
CA ILE A 266 -32.37 22.34 -30.05
C ILE A 266 -32.80 23.10 -28.82
N THR A 267 -34.10 23.32 -28.66
CA THR A 267 -34.65 24.00 -27.50
C THR A 267 -35.70 23.10 -26.87
N ALA A 268 -35.58 22.87 -25.56
CA ALA A 268 -36.54 22.06 -24.83
C ALA A 268 -36.48 22.43 -23.36
N GLY A 269 -37.51 22.03 -22.62
CA GLY A 269 -37.51 22.22 -21.19
C GLY A 269 -36.66 21.20 -20.47
N PHE A 270 -36.65 21.29 -19.14
CA PHE A 270 -35.82 20.42 -18.33
C PHE A 270 -36.25 18.96 -18.33
N ASP A 271 -37.42 18.65 -18.90
CA ASP A 271 -37.86 17.28 -19.13
C ASP A 271 -37.34 16.72 -20.45
N LEU A 272 -36.32 17.33 -21.03
CA LEU A 272 -35.79 16.90 -22.32
C LEU A 272 -35.20 15.50 -22.22
N ARG A 273 -35.55 14.65 -23.17
CA ARG A 273 -35.14 13.27 -23.20
C ARG A 273 -33.99 13.10 -24.19
N LEU A 274 -33.07 12.18 -23.89
CA LEU A 274 -32.00 11.83 -24.82
C LEU A 274 -32.56 11.39 -26.17
N ASP A 275 -33.64 10.60 -26.16
CA ASP A 275 -34.22 10.05 -27.40
C ASP A 275 -34.73 11.15 -28.33
N GLU A 276 -35.20 12.27 -27.77
CA GLU A 276 -35.58 13.41 -28.60
C GLU A 276 -34.39 13.90 -29.42
N PHE A 277 -33.26 14.08 -28.75
CA PHE A 277 -32.01 14.50 -29.40
C PHE A 277 -31.55 13.46 -30.43
N GLU A 278 -31.67 12.17 -30.08
CA GLU A 278 -31.25 11.11 -31.00
C GLU A 278 -32.08 11.13 -32.27
N THR A 279 -33.40 11.23 -32.15
CA THR A 279 -34.26 11.23 -33.33
C THR A 279 -34.06 12.47 -34.19
N VAL A 280 -33.87 13.64 -33.55
CA VAL A 280 -33.63 14.87 -34.31
C VAL A 280 -32.31 14.75 -35.08
N GLY A 281 -31.23 14.37 -34.41
CA GLY A 281 -29.95 14.20 -35.08
C GLY A 281 -29.99 13.12 -36.14
N ASN A 282 -30.74 12.05 -35.88
CA ASN A 282 -30.86 10.94 -36.83
C ASN A 282 -31.53 11.38 -38.12
N THR A 283 -32.57 12.21 -38.02
CA THR A 283 -33.12 12.72 -39.27
C THR A 283 -32.31 13.87 -39.86
N ILE A 284 -31.36 14.43 -39.12
CA ILE A 284 -30.43 15.37 -39.77
C ILE A 284 -29.39 14.66 -40.62
N ARG A 285 -28.68 13.64 -40.10
CA ARG A 285 -27.43 13.30 -40.81
C ARG A 285 -27.64 12.42 -42.02
N ALA A 286 -28.88 12.05 -42.35
CA ALA A 286 -29.13 11.16 -43.50
C ALA A 286 -28.71 11.81 -44.81
N PHE A 287 -29.06 13.08 -45.01
CA PHE A 287 -28.60 13.83 -46.16
C PHE A 287 -27.28 14.54 -45.92
N ALA A 288 -26.84 14.63 -44.67
CA ALA A 288 -25.59 15.30 -44.31
C ALA A 288 -24.46 14.30 -44.08
N SER A 289 -24.53 13.15 -44.74
CA SER A 289 -23.55 12.08 -44.56
C SER A 289 -22.34 12.24 -45.47
N ASP A 290 -22.30 13.27 -46.30
CA ASP A 290 -21.19 13.49 -47.21
C ASP A 290 -19.99 14.08 -46.46
N ASN A 291 -18.97 14.49 -47.20
CA ASN A 291 -17.77 15.08 -46.61
C ASN A 291 -18.08 16.52 -46.24
N ALA A 292 -18.79 16.69 -45.11
CA ALA A 292 -19.28 18.00 -44.71
C ALA A 292 -19.27 18.09 -43.19
N THR A 293 -19.22 19.32 -42.70
CA THR A 293 -19.17 19.59 -41.28
C THR A 293 -20.57 19.89 -40.75
N VAL A 294 -20.89 19.30 -39.59
CA VAL A 294 -22.17 19.48 -38.93
C VAL A 294 -21.91 20.10 -37.56
N VAL A 295 -22.65 21.16 -37.25
CA VAL A 295 -22.60 21.79 -35.94
C VAL A 295 -23.96 21.59 -35.28
N ILE A 296 -23.95 21.07 -34.05
CA ILE A 296 -25.17 20.68 -33.36
C ILE A 296 -25.21 21.43 -32.03
N GLY A 297 -26.37 22.05 -31.76
CA GLY A 297 -26.54 22.80 -30.54
C GLY A 297 -27.65 22.21 -29.68
N THR A 298 -27.86 22.82 -28.53
CA THR A 298 -28.86 22.39 -27.56
C THR A 298 -29.12 23.56 -26.62
N SER A 299 -30.37 23.76 -26.20
CA SER A 299 -30.69 24.74 -25.18
C SER A 299 -31.74 24.18 -24.24
N LEU A 300 -31.67 24.59 -22.97
CA LEU A 300 -32.58 24.11 -21.93
C LEU A 300 -33.22 25.33 -21.25
N ASP A 301 -34.46 25.64 -21.62
CA ASP A 301 -35.16 26.79 -21.05
C ASP A 301 -36.18 26.32 -20.03
N PRO A 302 -36.05 26.70 -18.75
CA PRO A 302 -36.95 26.15 -17.72
C PRO A 302 -38.33 26.77 -17.65
N ASP A 303 -38.46 28.05 -17.99
CA ASP A 303 -39.72 28.75 -17.75
C ASP A 303 -40.80 28.33 -18.74
N MET A 304 -40.45 28.19 -20.01
CA MET A 304 -41.41 27.85 -21.04
C MET A 304 -41.83 26.38 -20.97
N ASN A 305 -42.99 26.10 -21.56
CA ASN A 305 -43.69 24.83 -21.37
C ASN A 305 -43.09 23.72 -22.22
N ASP A 306 -43.82 22.60 -22.33
CA ASP A 306 -43.37 21.38 -23.01
C ASP A 306 -43.27 21.52 -24.52
N GLU A 307 -43.54 22.69 -25.08
CA GLU A 307 -43.31 22.93 -26.50
C GLU A 307 -41.81 22.80 -26.80
N LEU A 308 -41.48 22.21 -27.94
CA LEU A 308 -40.10 22.05 -28.35
C LEU A 308 -39.86 22.78 -29.66
N ARG A 309 -38.65 23.32 -29.81
CA ARG A 309 -38.27 24.11 -30.97
C ARG A 309 -36.98 23.56 -31.56
N VAL A 310 -36.91 23.52 -32.89
CA VAL A 310 -35.72 23.09 -33.62
C VAL A 310 -35.45 24.12 -34.72
N THR A 311 -34.24 24.66 -34.75
CA THR A 311 -33.81 25.59 -35.79
C THR A 311 -32.67 24.93 -36.56
N VAL A 312 -32.83 24.82 -37.88
CA VAL A 312 -31.87 24.15 -38.74
C VAL A 312 -31.41 25.12 -39.82
N VAL A 313 -30.09 25.25 -39.98
CA VAL A 313 -29.49 26.02 -41.06
C VAL A 313 -28.65 25.07 -41.90
N ALA A 314 -28.88 25.08 -43.21
CA ALA A 314 -28.19 24.17 -44.12
C ALA A 314 -27.69 24.97 -45.32
N THR A 315 -26.41 25.31 -45.31
CA THR A 315 -25.77 26.09 -46.36
C THR A 315 -24.73 25.23 -47.06
N GLY A 316 -24.58 25.42 -48.37
CA GLY A 316 -23.60 24.67 -49.13
C GLY A 316 -24.24 23.67 -50.07
N ILE A 317 -25.38 24.05 -50.64
CA ILE A 317 -26.14 23.19 -51.54
C ILE A 317 -25.35 23.03 -52.83
N GLY A 318 -24.76 21.85 -53.03
CA GLY A 318 -23.96 21.58 -54.21
C GLY A 318 -24.53 20.46 -55.07
N ALA B 13 -3.36 16.03 0.03
CA ALA B 13 -2.93 17.42 -0.04
C ALA B 13 -4.04 18.30 -0.62
N VAL B 14 -3.69 19.11 -1.61
CA VAL B 14 -4.63 19.98 -2.29
C VAL B 14 -4.58 19.67 -3.78
N ILE B 15 -5.75 19.50 -4.40
CA ILE B 15 -5.87 19.03 -5.78
C ILE B 15 -6.80 19.95 -6.54
N LYS B 16 -6.70 19.88 -7.86
CA LYS B 16 -7.35 20.83 -8.76
C LYS B 16 -7.97 20.10 -9.94
N VAL B 17 -9.09 20.62 -10.44
CA VAL B 17 -9.73 20.10 -11.64
C VAL B 17 -9.87 21.26 -12.62
N ILE B 18 -9.21 21.15 -13.77
CA ILE B 18 -9.22 22.19 -14.78
C ILE B 18 -10.14 21.73 -15.91
N GLY B 19 -11.29 22.40 -16.04
CA GLY B 19 -12.27 22.02 -17.03
C GLY B 19 -12.39 23.05 -18.14
N VAL B 20 -11.90 22.70 -19.32
CA VAL B 20 -11.88 23.62 -20.44
C VAL B 20 -13.09 23.39 -21.32
N GLY B 21 -13.47 24.41 -22.07
CA GLY B 21 -14.64 24.33 -22.91
C GLY B 21 -15.93 24.51 -22.14
N GLY B 22 -17.02 24.64 -22.88
CA GLY B 22 -18.32 24.80 -22.25
C GLY B 22 -18.79 23.54 -21.56
N GLY B 23 -18.61 22.39 -22.21
CA GLY B 23 -18.99 21.13 -21.60
C GLY B 23 -18.14 20.77 -20.39
N GLY B 24 -16.84 21.09 -20.45
CA GLY B 24 -15.99 20.91 -19.29
C GLY B 24 -16.38 21.81 -18.15
N GLY B 25 -16.86 23.02 -18.45
CA GLY B 25 -17.41 23.88 -17.43
C GLY B 25 -18.67 23.31 -16.82
N ASN B 26 -19.46 22.59 -17.62
CA ASN B 26 -20.67 21.95 -17.13
C ASN B 26 -20.33 20.84 -16.14
N ALA B 27 -19.20 20.16 -16.34
CA ALA B 27 -18.72 19.21 -15.35
C ALA B 27 -18.35 19.92 -14.06
N VAL B 28 -17.77 21.11 -14.17
CA VAL B 28 -17.39 21.89 -12.99
C VAL B 28 -18.63 22.37 -12.25
N GLU B 29 -19.68 22.75 -13.00
CA GLU B 29 -20.92 23.25 -12.38
C GLU B 29 -21.57 22.19 -11.50
N HIS B 30 -21.38 20.92 -11.83
CA HIS B 30 -21.98 19.84 -11.05
C HIS B 30 -21.34 19.74 -9.66
N MET B 31 -20.03 19.93 -9.58
CA MET B 31 -19.32 19.72 -8.31
C MET B 31 -19.35 20.93 -7.41
N VAL B 32 -19.57 22.13 -7.97
CA VAL B 32 -19.72 23.32 -7.15
C VAL B 32 -21.03 23.22 -6.35
N ARG B 33 -20.99 23.72 -5.11
CA ARG B 33 -22.01 23.81 -4.05
C ARG B 33 -22.16 22.49 -3.29
N GLU B 34 -21.46 21.42 -3.70
CA GLU B 34 -21.37 20.24 -2.86
C GLU B 34 -20.39 20.50 -1.70
N ARG B 35 -20.31 19.52 -0.81
CA ARG B 35 -19.35 19.58 0.29
C ARG B 35 -17.97 19.24 -0.26
N ILE B 36 -17.09 20.22 -0.33
CA ILE B 36 -15.80 20.09 -1.00
C ILE B 36 -14.69 20.23 0.03
N GLU B 37 -13.74 19.30 0.01
CA GLU B 37 -12.64 19.26 0.97
C GLU B 37 -11.32 19.27 0.22
N GLY B 38 -10.62 20.41 0.25
CA GLY B 38 -9.28 20.49 -0.31
C GLY B 38 -9.21 20.49 -1.81
N VAL B 39 -10.30 20.79 -2.51
CA VAL B 39 -10.34 20.80 -3.96
C VAL B 39 -10.82 22.18 -4.42
N GLU B 40 -10.12 22.76 -5.39
CA GLU B 40 -10.55 24.00 -6.02
C GLU B 40 -10.75 23.78 -7.50
N PHE B 41 -11.71 24.51 -8.07
CA PHE B 41 -12.13 24.33 -9.46
C PHE B 41 -11.83 25.58 -10.26
N PHE B 42 -11.24 25.39 -11.43
CA PHE B 42 -10.96 26.47 -12.36
C PHE B 42 -11.68 26.20 -13.68
N ALA B 43 -12.39 27.21 -14.17
CA ALA B 43 -13.19 27.10 -15.39
C ALA B 43 -12.52 27.82 -16.53
N VAL B 44 -12.35 27.15 -17.65
CA VAL B 44 -11.71 27.69 -18.85
C VAL B 44 -12.72 27.66 -20.00
N ASN B 45 -12.91 28.79 -20.66
CA ASN B 45 -13.77 28.83 -21.83
C ASN B 45 -13.35 29.97 -22.74
N THR B 46 -13.08 29.67 -24.01
CA THR B 46 -12.84 30.70 -25.00
C THR B 46 -14.10 31.53 -25.22
N ASP B 47 -15.26 30.89 -25.25
CA ASP B 47 -16.52 31.59 -25.37
C ASP B 47 -16.96 32.04 -23.98
N ALA B 48 -17.11 33.35 -23.79
CA ALA B 48 -17.45 33.91 -22.50
C ALA B 48 -18.94 33.94 -22.21
N GLN B 49 -19.78 33.54 -23.18
CA GLN B 49 -21.21 33.55 -22.95
C GLN B 49 -21.62 32.44 -21.97
N ALA B 50 -20.92 31.31 -22.00
CA ALA B 50 -21.23 30.23 -21.07
C ALA B 50 -20.72 30.51 -19.67
N LEU B 51 -19.73 31.40 -19.54
CA LEU B 51 -19.22 31.78 -18.23
C LEU B 51 -20.04 32.89 -17.59
N ARG B 52 -21.08 33.38 -18.27
CA ARG B 52 -21.89 34.47 -17.73
C ARG B 52 -22.69 34.02 -16.51
N LYS B 53 -23.29 32.84 -16.59
CA LYS B 53 -24.14 32.30 -15.52
C LYS B 53 -23.57 30.95 -15.11
N THR B 54 -22.67 30.95 -14.12
CA THR B 54 -22.09 29.73 -13.59
C THR B 54 -22.16 29.78 -12.07
N ALA B 55 -22.35 28.61 -11.46
CA ALA B 55 -22.34 28.51 -10.01
C ALA B 55 -20.94 28.63 -9.42
N VAL B 56 -19.90 28.42 -10.22
CA VAL B 56 -18.53 28.57 -9.75
C VAL B 56 -18.20 30.05 -9.62
N GLY B 57 -17.57 30.42 -8.48
CA GLY B 57 -17.27 31.80 -8.19
C GLY B 57 -16.03 32.34 -8.84
N GLN B 58 -15.31 31.53 -9.60
CA GLN B 58 -14.07 31.94 -10.25
C GLN B 58 -14.05 31.45 -11.69
N THR B 59 -13.58 32.31 -12.58
CA THR B 59 -13.66 32.06 -14.02
C THR B 59 -12.37 32.51 -14.69
N ILE B 60 -12.05 31.87 -15.81
CA ILE B 60 -10.90 32.23 -16.63
C ILE B 60 -11.38 32.34 -18.08
N GLN B 61 -11.14 33.49 -18.70
CA GLN B 61 -11.46 33.69 -20.11
C GLN B 61 -10.16 33.68 -20.91
N ILE B 62 -10.06 32.77 -21.87
CA ILE B 62 -8.84 32.56 -22.65
C ILE B 62 -9.13 32.87 -24.10
N GLY B 63 -8.32 33.76 -24.69
CA GLY B 63 -8.57 34.22 -26.04
C GLY B 63 -9.45 35.44 -26.12
N SER B 64 -9.44 36.30 -25.09
CA SER B 64 -10.29 37.49 -25.08
C SER B 64 -9.84 38.53 -26.11
N GLY B 65 -8.58 38.48 -26.52
CA GLY B 65 -8.09 39.39 -27.54
C GLY B 65 -8.19 38.81 -28.94
N ILE B 66 -8.50 37.51 -29.02
CA ILE B 66 -8.61 36.83 -30.31
C ILE B 66 -10.05 36.49 -30.66
N THR B 67 -10.98 36.51 -29.70
CA THR B 67 -12.38 36.20 -29.97
C THR B 67 -13.35 37.21 -29.36
N LYS B 68 -12.95 37.95 -28.32
CA LYS B 68 -13.81 38.90 -27.59
C LYS B 68 -15.07 38.21 -27.06
N GLY B 69 -14.89 37.03 -26.47
CA GLY B 69 -16.00 36.32 -25.86
C GLY B 69 -16.79 35.43 -26.79
N LEU B 70 -16.16 34.87 -27.82
CA LEU B 70 -16.81 33.97 -28.76
C LEU B 70 -16.10 32.62 -28.76
N GLY B 71 -16.72 31.65 -29.42
CA GLY B 71 -16.23 30.30 -29.44
C GLY B 71 -15.11 30.08 -30.43
N ALA B 72 -14.84 28.81 -30.70
CA ALA B 72 -13.75 28.42 -31.60
C ALA B 72 -14.25 27.95 -32.95
N GLY B 73 -15.55 27.70 -33.11
CA GLY B 73 -16.06 27.24 -34.40
C GLY B 73 -15.73 25.79 -34.67
N ALA B 74 -15.96 25.39 -35.92
CA ALA B 74 -15.70 24.03 -36.35
C ALA B 74 -14.23 23.79 -36.67
N ASN B 75 -13.40 24.82 -36.67
CA ASN B 75 -11.97 24.67 -36.84
C ASN B 75 -11.31 24.74 -35.47
N PRO B 76 -10.71 23.65 -34.98
CA PRO B 76 -10.08 23.69 -33.65
C PRO B 76 -8.76 24.44 -33.61
N GLU B 77 -8.24 24.88 -34.76
CA GLU B 77 -7.05 25.72 -34.76
C GLU B 77 -7.32 27.07 -34.10
N VAL B 78 -8.57 27.55 -34.17
CA VAL B 78 -8.93 28.75 -33.44
C VAL B 78 -8.91 28.49 -31.94
N GLY B 79 -9.41 27.33 -31.51
CA GLY B 79 -9.37 26.99 -30.10
C GLY B 79 -7.97 26.67 -29.60
N ARG B 80 -7.12 26.12 -30.48
CA ARG B 80 -5.75 25.83 -30.09
C ARG B 80 -4.93 27.11 -29.97
N ASN B 81 -5.09 28.03 -30.93
CA ASN B 81 -4.30 29.25 -30.93
C ASN B 81 -4.76 30.22 -29.85
N ALA B 82 -6.03 30.17 -29.48
CA ALA B 82 -6.52 31.01 -28.39
C ALA B 82 -5.89 30.62 -27.06
N ALA B 83 -5.74 29.32 -26.83
CA ALA B 83 -5.10 28.87 -25.60
C ALA B 83 -3.59 29.06 -25.66
N ASP B 84 -3.01 28.98 -26.86
CA ASP B 84 -1.57 29.07 -27.01
C ASP B 84 -1.08 30.48 -26.67
N GLU B 85 -1.81 31.50 -27.09
CA GLU B 85 -1.40 32.88 -26.82
C GLU B 85 -1.61 33.27 -25.36
N ASP B 86 -2.59 32.68 -24.68
CA ASP B 86 -2.87 32.97 -23.29
C ASP B 86 -2.27 31.94 -22.35
N ARG B 87 -1.11 31.37 -22.72
CA ARG B 87 -0.42 30.41 -21.87
C ARG B 87 0.10 31.07 -20.60
N GLU B 88 0.26 32.41 -20.61
CA GLU B 88 0.66 33.13 -19.42
C GLU B 88 -0.40 33.06 -18.33
N ALA B 89 -1.68 33.02 -18.73
CA ALA B 89 -2.77 32.91 -17.77
C ALA B 89 -2.95 31.52 -17.20
N LEU B 90 -2.55 30.48 -17.94
CA LEU B 90 -2.75 29.11 -17.50
C LEU B 90 -1.74 28.70 -16.43
N ARG B 91 -0.50 29.20 -16.54
CA ARG B 91 0.55 28.81 -15.61
C ARG B 91 0.32 29.44 -14.24
N ALA B 92 -0.19 30.67 -14.20
CA ALA B 92 -0.36 31.38 -12.94
C ALA B 92 -1.44 30.73 -12.07
N ALA B 93 -2.53 30.27 -12.69
CA ALA B 93 -3.59 29.62 -11.92
C ALA B 93 -3.22 28.22 -11.48
N LEU B 94 -2.25 27.58 -12.15
CA LEU B 94 -1.84 26.22 -11.82
C LEU B 94 -0.60 26.33 -10.93
N ASP B 95 -0.84 26.59 -9.65
CA ASP B 95 0.25 26.78 -8.70
C ASP B 95 -0.12 26.13 -7.38
N GLY B 96 0.86 25.49 -6.75
CA GLY B 96 0.61 24.83 -5.48
C GLY B 96 -0.19 23.55 -5.61
N ALA B 97 -0.32 23.00 -6.81
CA ALA B 97 -1.09 21.80 -7.05
C ALA B 97 -0.16 20.66 -7.44
N ASP B 98 -0.62 19.43 -7.18
CA ASP B 98 0.13 18.24 -7.54
C ASP B 98 -0.71 17.21 -8.28
N MET B 99 -1.98 17.52 -8.57
CA MET B 99 -2.85 16.61 -9.32
C MET B 99 -3.91 17.44 -10.00
N VAL B 100 -3.90 17.47 -11.33
CA VAL B 100 -4.88 18.21 -12.11
C VAL B 100 -5.58 17.24 -13.06
N PHE B 101 -6.86 17.48 -13.26
CA PHE B 101 -7.71 16.67 -14.14
C PHE B 101 -8.27 17.58 -15.23
N ILE B 102 -8.10 17.18 -16.48
CA ILE B 102 -8.52 17.98 -17.63
C ILE B 102 -9.89 17.49 -18.08
N ALA B 103 -10.91 18.32 -17.86
CA ALA B 103 -12.29 17.98 -18.17
C ALA B 103 -12.70 18.67 -19.46
N ALA B 104 -12.98 17.87 -20.50
CA ALA B 104 -13.37 18.43 -21.78
C ALA B 104 -14.16 17.39 -22.57
N GLY B 105 -14.90 17.87 -23.56
CA GLY B 105 -15.52 17.01 -24.53
C GLY B 105 -14.87 17.20 -25.89
N MET B 106 -14.15 16.21 -26.37
CA MET B 106 -13.39 16.36 -27.60
C MET B 106 -14.31 16.30 -28.82
N GLY B 107 -13.75 16.69 -29.97
CA GLY B 107 -14.49 16.73 -31.22
C GLY B 107 -14.92 18.11 -31.66
N GLY B 108 -14.77 19.13 -30.82
CA GLY B 108 -15.19 20.47 -31.14
C GLY B 108 -14.04 21.38 -31.52
N GLY B 109 -14.15 22.65 -31.17
CA GLY B 109 -13.10 23.61 -31.44
C GLY B 109 -12.14 23.85 -30.29
N THR B 110 -12.69 24.20 -29.12
CA THR B 110 -11.86 24.57 -27.97
C THR B 110 -11.30 23.33 -27.27
N GLY B 111 -12.18 22.40 -26.90
CA GLY B 111 -11.73 21.22 -26.17
C GLY B 111 -10.79 20.34 -26.97
N THR B 112 -10.90 20.41 -28.30
CA THR B 112 -9.94 19.69 -29.14
C THR B 112 -8.57 20.35 -29.10
N GLY B 113 -8.52 21.68 -29.01
CA GLY B 113 -7.26 22.39 -29.04
C GLY B 113 -6.76 22.89 -27.69
N ALA B 114 -7.65 23.46 -26.86
CA ALA B 114 -7.21 24.12 -25.65
C ALA B 114 -6.81 23.11 -24.56
N ALA B 115 -7.49 21.97 -24.52
CA ALA B 115 -7.15 20.95 -23.52
C ALA B 115 -5.73 20.39 -23.66
N PRO B 116 -5.18 20.11 -24.86
CA PRO B 116 -3.73 19.81 -24.92
C PRO B 116 -2.85 20.96 -24.48
N VAL B 117 -3.29 22.21 -24.64
CA VAL B 117 -2.47 23.34 -24.21
C VAL B 117 -2.41 23.43 -22.69
N VAL B 118 -3.53 23.20 -22.01
CA VAL B 118 -3.52 23.11 -20.55
C VAL B 118 -2.69 21.93 -20.10
N ALA B 119 -2.72 20.84 -20.87
CA ALA B 119 -1.81 19.72 -20.62
C ALA B 119 -0.35 20.13 -20.84
N GLU B 120 -0.10 20.95 -21.87
CA GLU B 120 1.24 21.43 -22.14
C GLU B 120 1.73 22.35 -21.02
N VAL B 121 0.83 23.15 -20.46
CA VAL B 121 1.14 23.89 -19.24
C VAL B 121 1.37 22.94 -18.08
N ALA B 122 0.52 21.92 -17.97
CA ALA B 122 0.65 20.95 -16.88
C ALA B 122 1.94 20.15 -16.98
N LYS B 123 2.30 19.69 -18.18
CA LYS B 123 3.51 18.91 -18.33
C LYS B 123 4.77 19.76 -18.15
N ASP B 124 4.71 21.03 -18.54
CA ASP B 124 5.87 21.91 -18.37
C ASP B 124 6.11 22.24 -16.90
N LEU B 125 5.08 22.21 -16.08
CA LEU B 125 5.17 22.60 -14.68
C LEU B 125 5.47 21.42 -13.75
N GLY B 126 5.74 20.25 -14.30
CA GLY B 126 6.09 19.10 -13.47
C GLY B 126 4.98 18.60 -12.58
N ILE B 127 3.76 18.52 -13.11
CA ILE B 127 2.61 18.08 -12.35
C ILE B 127 2.08 16.80 -12.98
N LEU B 128 1.34 16.02 -12.19
CA LEU B 128 0.74 14.79 -12.65
C LEU B 128 -0.65 15.11 -13.17
N THR B 129 -0.85 14.91 -14.48
CA THR B 129 -2.09 15.30 -15.15
C THR B 129 -2.74 14.10 -15.81
N VAL B 130 -4.07 14.07 -15.75
CA VAL B 130 -4.89 13.07 -16.41
C VAL B 130 -5.99 13.80 -17.16
N ALA B 131 -6.12 13.51 -18.46
CA ALA B 131 -7.06 14.20 -19.32
C ALA B 131 -8.28 13.32 -19.56
N VAL B 132 -9.46 13.91 -19.40
CA VAL B 132 -10.74 13.21 -19.50
C VAL B 132 -11.54 13.79 -20.66
N VAL B 133 -11.80 12.96 -21.66
CA VAL B 133 -12.43 13.42 -22.89
C VAL B 133 -13.66 12.59 -23.17
N THR B 134 -14.56 13.16 -23.96
CA THR B 134 -15.76 12.47 -24.45
C THR B 134 -15.74 12.51 -25.97
N LYS B 135 -15.54 11.35 -26.60
CA LYS B 135 -15.63 11.27 -28.05
C LYS B 135 -17.07 11.53 -28.48
N PRO B 136 -17.29 12.24 -29.60
CA PRO B 136 -18.64 12.71 -29.92
C PRO B 136 -19.58 11.60 -30.37
N PHE B 137 -20.85 11.96 -30.55
CA PHE B 137 -21.84 11.02 -31.05
C PHE B 137 -21.57 10.69 -32.51
N ASN B 138 -22.00 9.49 -32.92
CA ASN B 138 -21.70 9.02 -34.28
C ASN B 138 -22.55 9.75 -35.32
N PHE B 139 -23.77 10.14 -34.95
CA PHE B 139 -24.65 10.78 -35.92
C PHE B 139 -24.25 12.22 -36.20
N GLU B 140 -23.53 12.87 -35.29
CA GLU B 140 -23.12 14.26 -35.49
C GLU B 140 -22.07 14.42 -36.57
N GLY B 141 -21.46 13.33 -37.03
CA GLY B 141 -20.53 13.37 -38.14
C GLY B 141 -19.46 12.31 -38.02
N LYS B 142 -19.12 11.70 -39.15
CA LYS B 142 -18.00 10.77 -39.21
C LYS B 142 -16.74 11.41 -39.76
N LYS B 143 -16.88 12.44 -40.60
CA LYS B 143 -15.72 13.22 -41.02
C LYS B 143 -15.14 13.99 -39.84
N ARG B 144 -16.00 14.51 -38.97
CA ARG B 144 -15.49 15.24 -37.80
C ARG B 144 -14.98 14.28 -36.75
N MET B 145 -15.28 12.99 -36.87
CA MET B 145 -14.68 11.99 -36.01
C MET B 145 -13.24 11.72 -36.41
N ALA B 146 -12.88 12.02 -37.66
CA ALA B 146 -11.53 11.74 -38.16
C ALA B 146 -10.50 12.62 -37.48
N PHE B 147 -10.74 13.93 -37.41
CA PHE B 147 -9.83 14.78 -36.64
C PHE B 147 -10.00 14.55 -35.15
N ALA B 148 -11.18 14.11 -34.71
CA ALA B 148 -11.35 13.67 -33.32
C ALA B 148 -10.52 12.43 -33.05
N GLU B 149 -10.40 11.55 -34.04
CA GLU B 149 -9.43 10.46 -33.95
C GLU B 149 -8.00 10.99 -33.99
N GLN B 150 -7.74 11.99 -34.83
CA GLN B 150 -6.42 12.63 -34.84
C GLN B 150 -6.22 13.49 -33.61
N GLY B 151 -7.30 13.92 -32.96
CA GLY B 151 -7.18 14.65 -31.71
C GLY B 151 -6.72 13.76 -30.56
N ILE B 152 -6.87 12.45 -30.72
CA ILE B 152 -6.31 11.51 -29.73
C ILE B 152 -4.79 11.54 -29.79
N THR B 153 -4.23 11.60 -31.00
CA THR B 153 -2.78 11.78 -31.16
C THR B 153 -2.33 13.12 -30.58
N GLU B 154 -3.17 14.14 -30.68
CA GLU B 154 -2.90 15.44 -30.07
C GLU B 154 -2.80 15.36 -28.56
N LEU B 155 -3.42 14.36 -27.94
CA LEU B 155 -3.39 14.18 -26.50
C LEU B 155 -2.58 12.97 -26.05
N SER B 156 -2.22 12.07 -26.96
CA SER B 156 -1.45 10.88 -26.58
C SER B 156 0.02 11.19 -26.32
N LYS B 157 0.51 12.33 -26.80
CA LYS B 157 1.92 12.69 -26.65
C LYS B 157 2.11 13.84 -25.67
N HIS B 158 1.10 14.15 -24.87
CA HIS B 158 1.21 15.21 -23.87
C HIS B 158 0.63 14.88 -22.51
N VAL B 159 -0.16 13.81 -22.37
CA VAL B 159 -0.83 13.46 -21.13
C VAL B 159 -0.44 12.05 -20.75
N ASP B 160 -0.15 11.82 -19.46
CA ASP B 160 0.19 10.49 -19.00
C ASP B 160 -0.98 9.51 -19.16
N SER B 161 -2.21 9.95 -18.85
CA SER B 161 -3.34 9.04 -18.76
C SER B 161 -4.52 9.56 -19.55
N LEU B 162 -5.04 8.72 -20.45
CA LEU B 162 -6.19 9.08 -21.27
C LEU B 162 -7.45 8.44 -20.72
N ILE B 163 -8.37 9.28 -20.23
CA ILE B 163 -9.70 8.84 -19.81
C ILE B 163 -10.68 9.24 -20.90
N THR B 164 -11.44 8.27 -21.40
CA THR B 164 -12.36 8.50 -22.50
C THR B 164 -13.77 8.11 -22.06
N ILE B 165 -14.73 9.00 -22.33
CA ILE B 165 -16.14 8.68 -22.09
C ILE B 165 -16.88 8.85 -23.42
N PRO B 166 -16.81 7.87 -24.31
CA PRO B 166 -17.38 8.06 -25.66
C PRO B 166 -18.90 8.18 -25.63
N ASN B 167 -19.42 9.04 -26.51
CA ASN B 167 -20.85 9.25 -26.62
C ASN B 167 -21.55 8.20 -27.46
N ASP B 168 -20.79 7.39 -28.21
CA ASP B 168 -21.39 6.31 -28.97
C ASP B 168 -21.87 5.17 -28.06
N LYS B 169 -21.27 5.03 -26.88
CA LYS B 169 -21.69 4.04 -25.90
C LYS B 169 -22.60 4.63 -24.82
N LEU B 170 -23.15 5.83 -25.06
CA LEU B 170 -24.03 6.44 -24.08
C LEU B 170 -25.42 5.82 -24.08
N LEU B 171 -25.91 5.41 -25.25
CA LEU B 171 -27.26 4.88 -25.38
C LEU B 171 -27.37 3.43 -24.92
N LYS B 172 -26.29 2.65 -25.05
CA LYS B 172 -26.33 1.23 -24.68
C LYS B 172 -26.44 1.03 -23.17
N VAL B 173 -26.20 2.07 -22.38
CA VAL B 173 -26.27 1.99 -20.92
C VAL B 173 -27.38 2.88 -20.44
N LEU B 174 -28.35 2.27 -19.74
CA LEU B 174 -29.59 2.91 -19.30
C LEU B 174 -30.31 3.55 -20.49
N GLY B 175 -30.65 2.70 -21.45
CA GLY B 175 -31.36 3.16 -22.63
C GLY B 175 -32.87 3.12 -22.46
N ARG B 176 -33.35 3.66 -21.34
CA ARG B 176 -34.78 3.70 -21.02
C ARG B 176 -35.38 5.06 -21.35
N GLY B 177 -34.88 5.73 -22.37
CA GLY B 177 -35.30 7.09 -22.64
C GLY B 177 -34.92 8.07 -21.55
N ILE B 178 -33.67 8.03 -21.08
CA ILE B 178 -33.25 8.93 -20.02
C ILE B 178 -33.13 10.35 -20.56
N SER B 179 -32.98 11.29 -19.62
CA SER B 179 -32.87 12.69 -20.00
C SER B 179 -31.50 12.95 -20.63
N LEU B 180 -31.44 14.00 -21.46
CA LEU B 180 -30.16 14.46 -21.99
C LEU B 180 -29.27 14.97 -20.88
N LEU B 181 -29.86 15.59 -19.86
CA LEU B 181 -29.10 15.97 -18.68
C LEU B 181 -28.59 14.75 -17.92
N ASP B 182 -29.39 13.68 -17.87
CA ASP B 182 -28.99 12.51 -17.10
C ASP B 182 -27.94 11.69 -17.84
N ALA B 183 -28.06 11.57 -19.16
CA ALA B 183 -27.05 10.86 -19.94
C ALA B 183 -25.73 11.62 -19.96
N PHE B 184 -25.81 12.95 -19.95
CA PHE B 184 -24.60 13.76 -19.78
C PHE B 184 -24.15 13.77 -18.32
N GLY B 185 -25.10 13.76 -17.39
CA GLY B 185 -24.74 13.82 -15.98
C GLY B 185 -24.13 12.54 -15.45
N ALA B 186 -24.32 11.43 -16.15
CA ALA B 186 -23.66 10.18 -15.77
C ALA B 186 -22.16 10.28 -15.99
N ALA B 187 -21.74 10.96 -17.07
CA ALA B 187 -20.32 11.13 -17.33
C ALA B 187 -19.68 12.12 -16.35
N ASN B 188 -20.49 13.02 -15.78
CA ASN B 188 -19.95 13.92 -14.76
C ASN B 188 -19.70 13.20 -13.45
N ASP B 189 -20.53 12.20 -13.13
CA ASP B 189 -20.26 11.40 -11.94
C ASP B 189 -19.12 10.43 -12.15
N VAL B 190 -18.78 10.13 -13.41
CA VAL B 190 -17.53 9.45 -13.70
C VAL B 190 -16.36 10.31 -13.24
N LEU B 191 -16.44 11.61 -13.56
CA LEU B 191 -15.41 12.53 -13.12
C LEU B 191 -15.48 12.80 -11.63
N LYS B 192 -16.69 12.98 -11.09
CA LYS B 192 -16.81 13.25 -9.66
C LYS B 192 -16.39 12.04 -8.84
N GLY B 193 -16.68 10.83 -9.33
CA GLY B 193 -16.14 9.64 -8.71
C GLY B 193 -14.64 9.53 -8.85
N ALA B 194 -14.11 9.95 -10.01
CA ALA B 194 -12.67 9.89 -10.24
C ALA B 194 -11.91 10.88 -9.37
N VAL B 195 -12.44 12.10 -9.27
CA VAL B 195 -11.77 13.14 -8.48
C VAL B 195 -11.90 12.85 -6.99
N GLN B 196 -13.10 12.47 -6.54
CA GLN B 196 -13.29 12.20 -5.12
C GLN B 196 -12.61 10.91 -4.70
N GLY B 197 -12.51 9.93 -5.60
CA GLY B 197 -11.87 8.68 -5.25
C GLY B 197 -10.38 8.83 -4.99
N ILE B 198 -9.70 9.63 -5.80
CA ILE B 198 -8.30 9.96 -5.53
C ILE B 198 -8.20 10.82 -4.28
N ALA B 199 -9.16 11.73 -4.09
CA ALA B 199 -9.13 12.63 -2.94
C ALA B 199 -9.32 11.87 -1.63
N GLU B 200 -10.29 10.96 -1.56
CA GLU B 200 -10.53 10.22 -0.32
C GLU B 200 -9.44 9.19 -0.05
N LEU B 201 -8.68 8.82 -1.08
CA LEU B 201 -7.58 7.88 -0.91
C LEU B 201 -6.43 8.51 -0.14
N ILE B 202 -6.03 9.71 -0.52
CA ILE B 202 -4.81 10.30 0.02
C ILE B 202 -5.10 11.06 1.31
N THR B 203 -6.20 11.81 1.37
CA THR B 203 -6.56 12.65 2.50
C THR B 203 -6.80 11.85 3.77
N ARG B 204 -7.20 10.59 3.67
CA ARG B 204 -7.43 9.73 4.82
C ARG B 204 -6.15 9.00 5.19
N PRO B 205 -5.70 9.07 6.45
CA PRO B 205 -4.65 8.17 6.97
C PRO B 205 -5.21 6.84 7.48
N GLY B 206 -5.41 5.90 6.58
CA GLY B 206 -6.00 4.63 6.94
C GLY B 206 -5.07 3.77 7.78
N LEU B 207 -5.62 2.63 8.23
CA LEU B 207 -4.83 1.65 8.96
C LEU B 207 -3.70 1.11 8.09
N MET B 208 -3.98 0.84 6.83
CA MET B 208 -2.96 0.78 5.79
C MET B 208 -3.13 2.04 4.96
N ASN B 209 -2.05 2.56 4.40
CA ASN B 209 -2.06 3.94 3.94
C ASN B 209 -1.38 4.06 2.58
N VAL B 210 -2.14 4.54 1.60
CA VAL B 210 -1.64 4.90 0.29
C VAL B 210 -1.63 6.43 0.20
N ASP B 211 -0.61 6.99 -0.44
CA ASP B 211 -0.46 8.43 -0.69
C ASP B 211 0.11 8.60 -2.09
N PHE B 212 0.59 9.82 -2.39
CA PHE B 212 0.97 10.21 -3.75
C PHE B 212 2.06 9.35 -4.38
N ALA B 213 2.94 8.75 -3.57
CA ALA B 213 4.16 8.16 -4.11
C ALA B 213 3.88 6.94 -4.97
N ASP B 214 3.10 5.99 -4.46
CA ASP B 214 2.73 4.85 -5.30
C ASP B 214 1.57 5.20 -6.22
N VAL B 215 0.86 6.30 -5.95
CA VAL B 215 -0.08 6.82 -6.94
C VAL B 215 0.68 7.25 -8.20
N ARG B 216 1.78 7.98 -8.02
CA ARG B 216 2.50 8.58 -9.15
C ARG B 216 3.07 7.52 -10.09
N THR B 217 3.56 6.41 -9.54
CA THR B 217 4.23 5.40 -10.35
C THR B 217 3.27 4.50 -11.12
N VAL B 218 1.97 4.59 -10.87
CA VAL B 218 1.02 3.70 -11.54
C VAL B 218 0.71 4.20 -12.94
N MET B 219 0.23 5.44 -13.07
CA MET B 219 -0.25 5.92 -14.36
C MET B 219 0.84 6.56 -15.19
N SER B 220 2.10 6.46 -14.78
CA SER B 220 3.23 6.95 -15.57
C SER B 220 3.63 5.97 -16.67
N GLU B 221 2.79 4.99 -16.98
CA GLU B 221 3.05 4.03 -18.05
C GLU B 221 2.70 4.56 -19.43
N MET B 222 2.13 5.76 -19.51
CA MET B 222 1.79 6.46 -20.76
C MET B 222 0.83 5.60 -21.61
N GLY B 223 -0.38 5.45 -21.08
CA GLY B 223 -1.41 4.72 -21.78
C GLY B 223 -2.81 5.10 -21.36
N TYR B 224 -3.82 4.41 -21.90
CA TYR B 224 -5.20 4.67 -21.53
C TYR B 224 -5.46 4.25 -20.10
N ALA B 225 -6.39 4.94 -19.45
CA ALA B 225 -6.68 4.74 -18.03
C ALA B 225 -8.18 4.51 -17.82
N MET B 226 -8.51 4.14 -16.59
CA MET B 226 -9.89 3.91 -16.19
C MET B 226 -9.93 4.09 -14.69
N MET B 227 -10.90 4.86 -14.19
CA MET B 227 -10.95 5.22 -12.78
C MET B 227 -12.41 5.27 -12.33
N GLY B 228 -12.81 4.29 -11.52
CA GLY B 228 -14.16 4.27 -10.99
C GLY B 228 -14.17 3.63 -9.61
N SER B 229 -15.29 3.84 -8.91
CA SER B 229 -15.43 3.39 -7.53
C SER B 229 -16.70 2.58 -7.39
N GLY B 230 -16.55 1.29 -7.07
CA GLY B 230 -17.68 0.40 -6.86
C GLY B 230 -17.98 0.27 -5.38
N VAL B 231 -19.25 0.40 -5.03
CA VAL B 231 -19.72 0.38 -3.66
C VAL B 231 -20.72 -0.76 -3.52
N ALA B 232 -20.47 -1.65 -2.55
CA ALA B 232 -21.36 -2.77 -2.32
C ALA B 232 -21.57 -2.96 -0.82
N SER B 233 -22.71 -3.55 -0.48
CA SER B 233 -23.06 -3.85 0.91
C SER B 233 -23.91 -5.11 0.91
N GLY B 234 -23.49 -6.10 1.69
CA GLY B 234 -24.23 -7.34 1.77
C GLY B 234 -23.32 -8.48 2.20
N GLU B 235 -23.81 -9.70 1.96
CA GLU B 235 -23.04 -10.89 2.34
C GLU B 235 -21.85 -11.10 1.42
N ASP B 236 -22.04 -10.96 0.11
CA ASP B 236 -20.98 -11.09 -0.87
C ASP B 236 -20.63 -9.72 -1.47
N ARG B 237 -20.59 -8.70 -0.62
CA ARG B 237 -20.25 -7.34 -1.04
C ARG B 237 -18.83 -7.21 -1.56
N ALA B 238 -17.97 -8.19 -1.34
CA ALA B 238 -16.63 -8.14 -1.91
C ALA B 238 -16.67 -8.29 -3.43
N GLU B 239 -17.40 -9.30 -3.93
CA GLU B 239 -17.42 -9.54 -5.36
C GLU B 239 -18.28 -8.51 -6.09
N GLU B 240 -19.30 -7.99 -5.42
CA GLU B 240 -20.14 -6.97 -6.04
C GLU B 240 -19.40 -5.64 -6.15
N ALA B 241 -18.55 -5.33 -5.17
CA ALA B 241 -17.76 -4.09 -5.23
C ALA B 241 -16.60 -4.22 -6.21
N ALA B 242 -15.95 -5.39 -6.24
CA ALA B 242 -14.82 -5.58 -7.14
C ALA B 242 -15.26 -5.59 -8.60
N GLU B 243 -16.42 -6.20 -8.88
CA GLU B 243 -16.87 -6.26 -10.26
C GLU B 243 -17.49 -4.94 -10.73
N MET B 244 -18.09 -4.18 -9.81
CA MET B 244 -18.62 -2.88 -10.20
C MET B 244 -17.50 -1.88 -10.44
N ALA B 245 -16.45 -1.93 -9.62
CA ALA B 245 -15.34 -0.99 -9.78
C ALA B 245 -14.51 -1.30 -11.02
N ILE B 246 -14.46 -2.57 -11.44
CA ILE B 246 -13.71 -2.91 -12.64
C ILE B 246 -14.53 -2.71 -13.90
N SER B 247 -15.86 -2.65 -13.77
CA SER B 247 -16.74 -2.45 -14.91
C SER B 247 -16.92 -0.97 -15.18
N SER B 248 -16.56 -0.53 -16.38
CA SER B 248 -16.82 0.83 -16.83
C SER B 248 -17.71 0.72 -18.06
N PRO B 249 -19.03 0.84 -17.87
CA PRO B 249 -19.96 0.65 -18.99
C PRO B 249 -19.96 1.81 -19.98
N LEU B 250 -19.29 2.92 -19.65
CA LEU B 250 -19.32 4.13 -20.46
C LEU B 250 -18.10 4.27 -21.35
N LEU B 251 -17.52 3.16 -21.83
CA LEU B 251 -16.39 3.18 -22.74
C LEU B 251 -16.64 2.23 -23.91
N GLU B 252 -15.95 2.51 -25.03
CA GLU B 252 -16.04 1.67 -26.22
C GLU B 252 -15.56 0.26 -25.95
N ASP B 253 -14.27 0.13 -25.66
CA ASP B 253 -13.65 -1.14 -25.34
C ASP B 253 -12.68 -0.87 -24.20
N ILE B 254 -12.96 -1.45 -23.03
CA ILE B 254 -12.16 -1.16 -21.85
C ILE B 254 -10.77 -1.76 -21.99
N ASP B 255 -10.65 -2.95 -22.60
CA ASP B 255 -9.40 -3.63 -22.91
C ASP B 255 -8.50 -3.79 -21.69
N LEU B 256 -9.02 -4.53 -20.70
CA LEU B 256 -8.27 -4.78 -19.48
C LEU B 256 -7.04 -5.63 -19.70
N SER B 257 -7.03 -6.47 -20.73
CA SER B 257 -5.88 -7.31 -21.02
C SER B 257 -4.70 -6.47 -21.47
N GLY B 258 -3.51 -6.82 -20.96
CA GLY B 258 -2.31 -6.09 -21.31
C GLY B 258 -2.11 -4.78 -20.57
N ALA B 259 -2.67 -4.64 -19.37
CA ALA B 259 -2.48 -3.44 -18.59
C ALA B 259 -1.06 -3.40 -18.01
N ARG B 260 -0.58 -2.18 -17.75
CA ARG B 260 0.76 -1.98 -17.22
C ARG B 260 0.79 -1.38 -15.81
N GLY B 261 -0.35 -0.96 -15.27
CA GLY B 261 -0.38 -0.39 -13.94
C GLY B 261 -1.74 -0.49 -13.28
N VAL B 262 -1.79 -1.01 -12.06
CA VAL B 262 -3.04 -1.19 -11.32
C VAL B 262 -2.90 -0.55 -9.95
N LEU B 263 -3.93 0.18 -9.54
CA LEU B 263 -3.98 0.77 -8.20
C LEU B 263 -5.35 0.46 -7.60
N VAL B 264 -5.35 -0.25 -6.48
CA VAL B 264 -6.58 -0.71 -5.83
C VAL B 264 -6.61 -0.20 -4.40
N ASN B 265 -7.74 0.37 -3.98
CA ASN B 265 -7.97 0.81 -2.62
C ASN B 265 -9.17 0.08 -2.07
N ILE B 266 -9.07 -0.36 -0.82
CA ILE B 266 -10.13 -1.11 -0.15
C ILE B 266 -10.56 -0.33 1.08
N THR B 267 -11.87 -0.14 1.24
CA THR B 267 -12.43 0.55 2.39
C THR B 267 -13.47 -0.34 3.03
N ALA B 268 -13.36 -0.55 4.34
CA ALA B 268 -14.32 -1.34 5.08
C ALA B 268 -14.25 -0.96 6.55
N GLY B 269 -15.26 -1.38 7.30
CA GLY B 269 -15.25 -1.21 8.74
C GLY B 269 -14.39 -2.27 9.41
N PHE B 270 -14.37 -2.23 10.75
CA PHE B 270 -13.51 -3.13 11.53
C PHE B 270 -13.95 -4.59 11.46
N ASP B 271 -15.11 -4.88 10.85
CA ASP B 271 -15.51 -6.26 10.56
C ASP B 271 -14.97 -6.77 9.23
N LEU B 272 -13.90 -6.15 8.71
CA LEU B 272 -13.33 -6.57 7.43
C LEU B 272 -12.72 -7.96 7.57
N ARG B 273 -12.87 -8.77 6.53
CA ARG B 273 -12.54 -10.19 6.56
C ARG B 273 -11.55 -10.49 5.43
N LEU B 274 -10.72 -11.52 5.64
CA LEU B 274 -9.89 -12.04 4.56
C LEU B 274 -10.72 -12.42 3.34
N ASP B 275 -11.82 -13.16 3.55
CA ASP B 275 -12.66 -13.58 2.44
C ASP B 275 -13.23 -12.40 1.67
N GLU B 276 -13.29 -11.23 2.29
CA GLU B 276 -13.55 -10.01 1.54
C GLU B 276 -12.31 -9.57 0.74
N PHE B 277 -11.11 -9.80 1.29
CA PHE B 277 -9.92 -9.15 0.74
C PHE B 277 -9.46 -9.80 -0.57
N GLU B 278 -9.20 -11.12 -0.57
CA GLU B 278 -8.69 -11.72 -1.79
C GLU B 278 -9.77 -11.75 -2.87
N THR B 279 -11.03 -11.95 -2.49
CA THR B 279 -12.11 -12.04 -3.47
C THR B 279 -12.35 -10.71 -4.17
N VAL B 280 -11.98 -9.59 -3.53
CA VAL B 280 -11.83 -8.35 -4.29
C VAL B 280 -10.62 -8.45 -5.23
N GLY B 281 -9.49 -8.91 -4.68
CA GLY B 281 -8.24 -8.89 -5.44
C GLY B 281 -8.10 -10.03 -6.43
N ASN B 282 -8.94 -11.07 -6.31
CA ASN B 282 -8.79 -12.23 -7.20
C ASN B 282 -9.20 -11.90 -8.62
N THR B 283 -10.15 -10.98 -8.80
CA THR B 283 -10.56 -10.61 -10.14
C THR B 283 -9.63 -9.59 -10.79
N ILE B 284 -8.64 -9.09 -10.06
CA ILE B 284 -7.77 -8.03 -10.57
C ILE B 284 -6.51 -8.59 -11.22
N ARG B 285 -5.95 -9.67 -10.68
CA ARG B 285 -4.74 -10.25 -11.26
C ARG B 285 -5.04 -11.29 -12.33
N ALA B 286 -6.31 -11.55 -12.64
CA ALA B 286 -6.63 -12.42 -13.77
C ALA B 286 -6.20 -11.78 -15.08
N PHE B 287 -6.49 -10.49 -15.26
CA PHE B 287 -6.05 -9.74 -16.43
C PHE B 287 -4.73 -9.02 -16.22
N ALA B 288 -4.28 -8.86 -14.98
CA ALA B 288 -3.01 -8.20 -14.68
C ALA B 288 -1.92 -9.21 -14.35
N SER B 289 -2.02 -10.41 -14.90
CA SER B 289 -1.02 -11.47 -14.71
C SER B 289 0.17 -11.32 -15.62
N ASP B 290 0.18 -10.32 -16.50
CA ASP B 290 1.29 -10.08 -17.41
C ASP B 290 2.39 -9.35 -16.64
N ASN B 291 3.48 -9.00 -17.32
CA ASN B 291 4.63 -8.37 -16.68
C ASN B 291 4.28 -6.92 -16.33
N ALA B 292 3.59 -6.76 -15.21
CA ALA B 292 3.10 -5.44 -14.80
C ALA B 292 3.03 -5.37 -13.28
N THR B 293 3.01 -4.14 -12.77
CA THR B 293 2.99 -3.88 -11.35
C THR B 293 1.55 -3.67 -10.86
N VAL B 294 1.30 -4.09 -9.64
CA VAL B 294 -0.01 -3.98 -9.00
C VAL B 294 0.17 -3.42 -7.60
N VAL B 295 -0.61 -2.39 -7.28
CA VAL B 295 -0.57 -1.76 -5.96
C VAL B 295 -1.93 -1.97 -5.29
N ILE B 296 -1.91 -2.49 -4.06
CA ILE B 296 -3.11 -2.73 -3.28
C ILE B 296 -3.06 -1.87 -2.03
N GLY B 297 -4.20 -1.29 -1.66
CA GLY B 297 -4.35 -0.54 -0.44
C GLY B 297 -5.45 -1.15 0.40
N THR B 298 -5.66 -0.57 1.57
CA THR B 298 -6.70 -1.03 2.49
C THR B 298 -6.96 0.09 3.49
N SER B 299 -8.23 0.34 3.80
CA SER B 299 -8.58 1.33 4.81
C SER B 299 -9.60 0.76 5.78
N LEU B 300 -9.50 1.15 7.04
CA LEU B 300 -10.38 0.66 8.10
C LEU B 300 -11.03 1.87 8.78
N ASP B 301 -12.25 2.21 8.36
CA ASP B 301 -12.95 3.37 8.90
C ASP B 301 -13.97 2.91 9.93
N PRO B 302 -13.86 3.34 11.18
CA PRO B 302 -14.74 2.81 12.24
C PRO B 302 -16.13 3.43 12.28
N ASP B 303 -16.26 4.70 11.92
CA ASP B 303 -17.52 5.42 12.14
C ASP B 303 -18.60 4.97 11.16
N MET B 304 -18.23 4.75 9.90
CA MET B 304 -19.19 4.40 8.87
C MET B 304 -19.66 2.94 9.00
N ASN B 305 -20.81 2.67 8.41
CA ASN B 305 -21.52 1.40 8.59
C ASN B 305 -20.91 0.31 7.71
N ASP B 306 -21.63 -0.81 7.57
CA ASP B 306 -21.16 -2.01 6.87
C ASP B 306 -21.04 -1.82 5.36
N GLU B 307 -21.29 -0.63 4.83
CA GLU B 307 -21.06 -0.37 3.41
C GLU B 307 -19.56 -0.49 3.11
N LEU B 308 -19.25 -1.10 1.98
CA LEU B 308 -17.87 -1.32 1.56
C LEU B 308 -17.62 -0.58 0.24
N ARG B 309 -16.39 -0.10 0.07
CA ARG B 309 -16.00 0.67 -1.09
C ARG B 309 -14.71 0.09 -1.68
N VAL B 310 -14.64 0.04 -3.01
CA VAL B 310 -13.46 -0.41 -3.73
C VAL B 310 -13.18 0.57 -4.86
N THR B 311 -11.97 1.12 -4.89
CA THR B 311 -11.54 2.04 -5.92
C THR B 311 -10.40 1.42 -6.71
N VAL B 312 -10.58 1.28 -8.03
CA VAL B 312 -9.59 0.66 -8.91
C VAL B 312 -9.18 1.67 -9.97
N VAL B 313 -7.88 1.82 -10.16
CA VAL B 313 -7.30 2.60 -11.25
C VAL B 313 -6.41 1.68 -12.05
N ALA B 314 -6.66 1.61 -13.36
CA ALA B 314 -5.92 0.72 -14.25
C ALA B 314 -5.43 1.51 -15.46
N THR B 315 -4.14 1.82 -15.49
CA THR B 315 -3.53 2.61 -16.55
C THR B 315 -2.47 1.77 -17.25
N GLY B 316 -2.30 1.99 -18.55
CA GLY B 316 -1.30 1.26 -19.31
C GLY B 316 -1.93 0.24 -20.24
N ILE B 317 -3.05 0.61 -20.84
CA ILE B 317 -3.78 -0.29 -21.74
C ILE B 317 -2.96 -0.48 -23.01
N GLY B 318 -2.34 -1.64 -23.15
CA GLY B 318 -1.51 -1.93 -24.30
C GLY B 318 -2.03 -3.07 -25.15
N ALA C 13 18.83 -7.29 30.17
CA ALA C 13 19.34 -5.95 29.87
C ALA C 13 18.23 -5.07 29.31
N VAL C 14 18.54 -4.30 28.27
CA VAL C 14 17.57 -3.44 27.60
C VAL C 14 17.60 -3.77 26.11
N ILE C 15 16.41 -3.90 25.52
CA ILE C 15 16.27 -4.36 24.14
C ILE C 15 15.34 -3.42 23.38
N LYS C 16 15.44 -3.46 22.06
CA LYS C 16 14.82 -2.49 21.18
C LYS C 16 14.23 -3.20 19.97
N VAL C 17 13.12 -2.66 19.45
CA VAL C 17 12.50 -3.16 18.22
C VAL C 17 12.32 -1.98 17.28
N ILE C 18 12.97 -2.04 16.13
CA ILE C 18 12.88 -0.99 15.13
C ILE C 18 12.06 -1.53 13.97
N GLY C 19 10.79 -1.10 13.90
CA GLY C 19 9.90 -1.54 12.85
C GLY C 19 9.81 -0.48 11.77
N VAL C 20 10.31 -0.81 10.60
CA VAL C 20 10.41 0.14 9.49
C VAL C 20 9.18 -0.03 8.59
N GLY C 21 8.84 1.03 7.88
CA GLY C 21 7.67 1.00 7.02
C GLY C 21 6.39 1.17 7.81
N GLY C 22 5.29 1.29 7.06
CA GLY C 22 3.98 1.40 7.70
C GLY C 22 3.55 0.11 8.35
N GLY C 23 3.79 -1.03 7.68
CA GLY C 23 3.41 -2.31 8.26
C GLY C 23 4.23 -2.67 9.49
N GLY C 24 5.51 -2.30 9.48
CA GLY C 24 6.32 -2.50 10.68
C GLY C 24 5.86 -1.65 11.84
N GLY C 25 5.39 -0.44 11.55
CA GLY C 25 4.81 0.39 12.59
C GLY C 25 3.51 -0.16 13.12
N ASN C 26 2.79 -0.93 12.29
CA ASN C 26 1.56 -1.57 12.73
C ASN C 26 1.84 -2.65 13.78
N ALA C 27 3.00 -3.29 13.69
CA ALA C 27 3.41 -4.21 14.74
C ALA C 27 3.72 -3.46 16.03
N VAL C 28 4.26 -2.24 15.91
CA VAL C 28 4.70 -1.48 17.07
C VAL C 28 3.50 -0.98 17.89
N GLU C 29 2.47 -0.48 17.22
CA GLU C 29 1.38 0.19 17.92
C GLU C 29 0.57 -0.79 18.77
N HIS C 30 0.53 -2.06 18.37
CA HIS C 30 -0.09 -3.09 19.19
C HIS C 30 0.69 -3.28 20.48
N MET C 31 2.02 -3.21 20.40
CA MET C 31 2.88 -3.45 21.56
C MET C 31 2.83 -2.31 22.57
N VAL C 32 2.58 -1.09 22.09
CA VAL C 32 2.43 0.06 22.96
C VAL C 32 1.13 -0.09 23.76
N ARG C 33 1.14 0.41 25.00
CA ARG C 33 0.12 0.46 26.05
C ARG C 33 -0.03 -0.89 26.75
N GLU C 34 0.66 -1.93 26.30
CA GLU C 34 0.77 -3.14 27.10
C GLU C 34 1.76 -2.91 28.26
N ARG C 35 1.81 -3.86 29.18
CA ARG C 35 2.78 -3.82 30.26
C ARG C 35 4.14 -4.20 29.70
N ILE C 36 5.06 -3.24 29.66
CA ILE C 36 6.34 -3.38 28.98
C ILE C 36 7.45 -3.25 30.01
N GLU C 37 8.40 -4.19 29.98
CA GLU C 37 9.50 -4.24 30.95
C GLU C 37 10.82 -4.16 30.20
N GLY C 38 11.48 -3.00 30.30
CA GLY C 38 12.82 -2.84 29.78
C GLY C 38 12.94 -2.83 28.27
N VAL C 39 11.84 -2.56 27.56
CA VAL C 39 11.83 -2.56 26.10
C VAL C 39 11.35 -1.21 25.62
N GLU C 40 12.05 -0.62 24.65
CA GLU C 40 11.61 0.60 24.01
C GLU C 40 11.43 0.34 22.52
N PHE C 41 10.45 1.04 21.94
CA PHE C 41 10.04 0.82 20.56
C PHE C 41 10.30 2.08 19.74
N PHE C 42 10.87 1.89 18.55
CA PHE C 42 11.14 2.97 17.62
C PHE C 42 10.44 2.70 16.30
N ALA C 43 9.76 3.73 15.79
CA ALA C 43 8.99 3.63 14.56
C ALA C 43 9.73 4.34 13.43
N VAL C 44 9.91 3.65 12.30
CA VAL C 44 10.60 4.17 11.14
C VAL C 44 9.64 4.15 9.95
N ASN C 45 9.50 5.29 9.28
CA ASN C 45 8.64 5.35 8.10
C ASN C 45 9.09 6.50 7.19
N THR C 46 9.31 6.19 5.92
CA THR C 46 9.51 7.24 4.93
C THR C 46 8.26 8.07 4.75
N ASP C 47 7.09 7.42 4.76
CA ASP C 47 5.83 8.11 4.63
C ASP C 47 5.39 8.61 6.00
N ALA C 48 5.14 9.91 6.12
CA ALA C 48 4.83 10.51 7.41
C ALA C 48 3.35 10.52 7.74
N GLN C 49 2.48 10.14 6.81
CA GLN C 49 1.05 10.14 7.08
C GLN C 49 0.66 9.02 8.03
N ALA C 50 1.39 7.90 7.98
CA ALA C 50 1.11 6.80 8.89
C ALA C 50 1.58 7.10 10.30
N LEU C 51 2.57 7.97 10.46
CA LEU C 51 3.07 8.33 11.78
C LEU C 51 2.25 9.42 12.43
N ARG C 52 1.21 9.92 11.76
CA ARG C 52 0.40 11.00 12.30
C ARG C 52 -0.40 10.55 13.51
N LYS C 53 -1.07 9.41 13.40
CA LYS C 53 -1.95 8.89 14.45
C LYS C 53 -1.44 7.52 14.88
N THR C 54 -0.53 7.50 15.83
CA THR C 54 -0.01 6.27 16.40
C THR C 54 0.05 6.39 17.91
N ALA C 55 -0.10 5.24 18.59
CA ALA C 55 0.00 5.21 20.04
C ALA C 55 1.44 5.26 20.54
N VAL C 56 2.41 4.98 19.68
CA VAL C 56 3.82 4.98 20.07
C VAL C 56 4.27 6.43 20.33
N GLY C 57 4.98 6.61 21.43
CA GLY C 57 5.34 7.94 21.90
C GLY C 57 6.52 8.59 21.21
N GLN C 58 7.20 7.88 20.32
CA GLN C 58 8.33 8.44 19.58
C GLN C 58 8.26 8.02 18.13
N THR C 59 8.50 8.97 17.24
CA THR C 59 8.39 8.73 15.81
C THR C 59 9.63 9.26 15.11
N ILE C 60 10.04 8.56 14.05
CA ILE C 60 11.22 8.92 13.28
C ILE C 60 10.82 9.00 11.81
N GLN C 61 11.01 10.17 11.20
CA GLN C 61 10.71 10.38 9.79
C GLN C 61 12.02 10.36 9.01
N ILE C 62 12.12 9.46 8.04
CA ILE C 62 13.35 9.24 7.29
C ILE C 62 13.11 9.54 5.82
N GLY C 63 13.95 10.39 5.25
CA GLY C 63 13.73 10.88 3.90
C GLY C 63 12.83 12.08 3.80
N SER C 64 12.83 12.94 4.82
CA SER C 64 11.96 14.12 4.82
C SER C 64 12.40 15.15 3.80
N GLY C 65 13.66 15.12 3.37
CA GLY C 65 14.13 16.03 2.35
C GLY C 65 14.03 15.44 0.96
N ILE C 66 13.75 14.14 0.88
CA ILE C 66 13.64 13.45 -0.40
C ILE C 66 12.20 13.08 -0.75
N THR C 67 11.27 13.11 0.21
CA THR C 67 9.87 12.81 -0.06
C THR C 67 8.90 13.83 0.52
N LYS C 68 9.30 14.61 1.53
CA LYS C 68 8.43 15.56 2.24
C LYS C 68 7.21 14.88 2.83
N GLY C 69 7.40 13.70 3.40
CA GLY C 69 6.33 12.99 4.05
C GLY C 69 5.52 12.07 3.17
N LEU C 70 6.10 11.50 2.13
CA LEU C 70 5.42 10.57 1.25
C LEU C 70 6.14 9.23 1.25
N GLY C 71 5.53 8.24 0.61
CA GLY C 71 6.03 6.89 0.59
C GLY C 71 7.15 6.70 -0.42
N ALA C 72 7.43 5.44 -0.70
CA ALA C 72 8.50 5.07 -1.61
C ALA C 72 8.01 4.62 -2.97
N GLY C 73 6.70 4.39 -3.14
CA GLY C 73 6.21 3.95 -4.42
C GLY C 73 6.52 2.48 -4.70
N ALA C 74 6.26 2.09 -5.95
CA ALA C 74 6.50 0.71 -6.38
C ALA C 74 7.95 0.45 -6.73
N ASN C 75 8.80 1.49 -6.75
CA ASN C 75 10.23 1.29 -6.94
C ASN C 75 10.90 1.34 -5.58
N PRO C 76 11.50 0.25 -5.10
CA PRO C 76 12.13 0.27 -3.78
C PRO C 76 13.46 1.02 -3.73
N GLU C 77 13.98 1.47 -4.88
CA GLU C 77 15.18 2.30 -4.87
C GLU C 77 14.93 3.64 -4.20
N VAL C 78 13.68 4.14 -4.25
CA VAL C 78 13.33 5.34 -3.51
C VAL C 78 13.37 5.07 -2.01
N GLY C 79 12.86 3.91 -1.59
CA GLY C 79 12.90 3.57 -0.18
C GLY C 79 14.29 3.20 0.30
N ARG C 80 15.13 2.67 -0.61
CA ARG C 80 16.51 2.36 -0.24
C ARG C 80 17.33 3.63 -0.10
N ASN C 81 17.16 4.58 -1.00
CA ASN C 81 17.96 5.81 -0.97
C ASN C 81 17.50 6.75 0.13
N ALA C 82 16.21 6.72 0.47
CA ALA C 82 15.70 7.58 1.54
C ALA C 82 16.29 7.20 2.89
N ALA C 83 16.44 5.90 3.15
CA ALA C 83 17.06 5.46 4.39
C ALA C 83 18.57 5.65 4.34
N ASP C 84 19.16 5.58 3.14
CA ASP C 84 20.60 5.67 3.00
C ASP C 84 21.11 7.06 3.38
N GLU C 85 20.38 8.11 2.98
CA GLU C 85 20.82 9.46 3.27
C GLU C 85 20.46 9.93 4.67
N ASP C 86 19.62 9.18 5.39
CA ASP C 86 19.36 9.42 6.80
C ASP C 86 20.02 8.39 7.70
N ARG C 87 21.17 7.85 7.29
CA ARG C 87 21.91 6.90 8.12
C ARG C 87 22.46 7.58 9.37
N GLU C 88 22.60 8.90 9.33
CA GLU C 88 22.97 9.65 10.53
C GLU C 88 21.88 9.58 11.59
N ALA C 89 20.61 9.55 11.15
CA ALA C 89 19.49 9.47 12.06
C ALA C 89 19.27 8.08 12.64
N LEU C 90 19.67 7.03 11.92
CA LEU C 90 19.44 5.67 12.39
C LEU C 90 20.43 5.28 13.49
N ARG C 91 21.66 5.77 13.39
CA ARG C 91 22.70 5.40 14.35
C ARG C 91 22.45 6.05 15.71
N ALA C 92 21.93 7.28 15.71
CA ALA C 92 21.73 8.01 16.96
C ALA C 92 20.66 7.37 17.84
N ALA C 93 19.57 6.90 17.23
CA ALA C 93 18.51 6.26 18.02
C ALA C 93 18.89 4.86 18.47
N LEU C 94 19.85 4.22 17.80
CA LEU C 94 20.27 2.87 18.15
C LEU C 94 21.54 3.01 19.00
N ASP C 95 21.32 3.25 20.30
CA ASP C 95 22.43 3.45 21.23
C ASP C 95 22.09 2.77 22.54
N GLY C 96 23.10 2.13 23.14
CA GLY C 96 22.88 1.45 24.39
C GLY C 96 22.09 0.16 24.29
N ALA C 97 21.97 -0.38 23.08
CA ALA C 97 21.19 -1.58 22.83
C ALA C 97 22.12 -2.73 22.47
N ASP C 98 21.63 -3.96 22.69
CA ASP C 98 22.36 -5.15 22.33
C ASP C 98 21.51 -6.18 21.60
N MET C 99 20.23 -5.88 21.35
CA MET C 99 19.36 -6.76 20.58
C MET C 99 18.30 -5.90 19.91
N VAL C 100 18.33 -5.84 18.58
CA VAL C 100 17.33 -5.10 17.81
C VAL C 100 16.62 -6.07 16.88
N PHE C 101 15.36 -5.76 16.60
CA PHE C 101 14.50 -6.56 15.74
C PHE C 101 13.96 -5.69 14.62
N ILE C 102 14.08 -6.16 13.39
CA ILE C 102 13.67 -5.42 12.20
C ILE C 102 12.32 -5.93 11.76
N ALA C 103 11.28 -5.14 12.02
CA ALA C 103 9.91 -5.51 11.69
C ALA C 103 9.49 -4.81 10.40
N ALA C 104 9.18 -5.60 9.37
CA ALA C 104 8.82 -5.03 8.09
C ALA C 104 8.02 -6.05 7.30
N GLY C 105 7.29 -5.55 6.31
CA GLY C 105 6.69 -6.40 5.30
C GLY C 105 7.36 -6.21 3.96
N MET C 106 8.11 -7.20 3.51
CA MET C 106 8.85 -7.06 2.26
C MET C 106 7.91 -7.15 1.05
N GLY C 107 8.39 -6.63 -0.07
CA GLY C 107 7.64 -6.60 -1.30
C GLY C 107 7.23 -5.22 -1.76
N GLY C 108 7.44 -4.20 -0.94
CA GLY C 108 7.05 -2.84 -1.27
C GLY C 108 8.22 -1.96 -1.62
N GLY C 109 8.09 -0.67 -1.31
CA GLY C 109 9.16 0.28 -1.57
C GLY C 109 10.09 0.51 -0.41
N THR C 110 9.53 0.86 0.75
CA THR C 110 10.35 1.21 1.92
C THR C 110 10.87 -0.04 2.62
N GLY C 111 9.98 -0.97 2.96
CA GLY C 111 10.39 -2.15 3.72
C GLY C 111 11.34 -3.05 2.96
N THR C 112 11.29 -3.01 1.63
CA THR C 112 12.25 -3.75 0.83
C THR C 112 13.63 -3.11 0.89
N GLY C 113 13.69 -1.78 0.96
CA GLY C 113 14.96 -1.09 0.93
C GLY C 113 15.45 -0.54 2.24
N ALA C 114 14.55 0.02 3.06
CA ALA C 114 14.98 0.68 4.29
C ALA C 114 15.37 -0.32 5.37
N ALA C 115 14.72 -1.49 5.39
CA ALA C 115 15.06 -2.51 6.36
C ALA C 115 16.50 -3.03 6.24
N PRO C 116 17.06 -3.31 5.05
CA PRO C 116 18.52 -3.59 5.01
C PRO C 116 19.39 -2.43 5.46
N VAL C 117 18.93 -1.19 5.33
CA VAL C 117 19.74 -0.05 5.77
C VAL C 117 19.82 0.01 7.29
N VAL C 118 18.70 -0.24 7.98
CA VAL C 118 18.73 -0.35 9.43
C VAL C 118 19.57 -1.55 9.86
N ALA C 119 19.54 -2.62 9.06
CA ALA C 119 20.45 -3.74 9.27
C ALA C 119 21.90 -3.31 9.04
N GLU C 120 22.14 -2.49 8.02
CA GLU C 120 23.49 -2.01 7.75
C GLU C 120 23.99 -1.10 8.86
N VAL C 121 23.09 -0.30 9.44
CA VAL C 121 23.41 0.43 10.66
C VAL C 121 23.66 -0.54 11.81
N ALA C 122 22.83 -1.58 11.90
CA ALA C 122 22.97 -2.56 12.97
C ALA C 122 24.29 -3.34 12.87
N LYS C 123 24.66 -3.76 11.66
CA LYS C 123 25.90 -4.52 11.50
C LYS C 123 27.12 -3.62 11.68
N ASP C 124 27.00 -2.33 11.33
CA ASP C 124 28.13 -1.43 11.50
C ASP C 124 28.38 -1.11 12.97
N LEU C 125 27.34 -1.20 13.80
CA LEU C 125 27.43 -0.86 15.21
C LEU C 125 27.76 -2.05 16.10
N GLY C 126 28.02 -3.22 15.52
CA GLY C 126 28.38 -4.38 16.29
C GLY C 126 27.28 -4.91 17.19
N ILE C 127 26.05 -4.96 16.67
CA ILE C 127 24.91 -5.40 17.45
C ILE C 127 24.33 -6.65 16.79
N LEU C 128 23.63 -7.44 17.59
CA LEU C 128 23.01 -8.68 17.11
C LEU C 128 21.60 -8.35 16.64
N THR C 129 21.35 -8.55 15.34
CA THR C 129 20.11 -8.15 14.71
C THR C 129 19.39 -9.34 14.10
N VAL C 130 18.07 -9.34 14.21
CA VAL C 130 17.20 -10.37 13.64
C VAL C 130 16.10 -9.65 12.86
N ALA C 131 15.91 -10.02 11.61
CA ALA C 131 14.93 -9.36 10.75
C ALA C 131 13.71 -10.26 10.59
N VAL C 132 12.53 -9.68 10.80
CA VAL C 132 11.25 -10.36 10.63
C VAL C 132 10.55 -9.74 9.42
N VAL C 133 10.29 -10.56 8.41
CA VAL C 133 9.72 -10.06 7.16
C VAL C 133 8.49 -10.89 6.80
N THR C 134 7.61 -10.29 5.98
CA THR C 134 6.42 -10.96 5.47
C THR C 134 6.47 -10.92 3.95
N LYS C 135 6.68 -12.06 3.32
CA LYS C 135 6.60 -12.15 1.87
C LYS C 135 5.15 -11.93 1.42
N PRO C 136 4.93 -11.17 0.33
CA PRO C 136 3.56 -10.73 0.01
C PRO C 136 2.63 -11.84 -0.47
N PHE C 137 1.35 -11.49 -0.65
CA PHE C 137 0.37 -12.43 -1.15
C PHE C 137 0.64 -12.77 -2.61
N ASN C 138 0.18 -13.95 -3.03
CA ASN C 138 0.43 -14.39 -4.40
C ASN C 138 -0.44 -13.65 -5.39
N PHE C 139 -1.66 -13.26 -4.98
CA PHE C 139 -2.56 -12.60 -5.92
C PHE C 139 -2.17 -11.16 -6.20
N GLU C 140 -1.37 -10.54 -5.34
CA GLU C 140 -0.98 -9.15 -5.56
C GLU C 140 0.09 -9.01 -6.63
N GLY C 141 0.66 -10.10 -7.12
CA GLY C 141 1.59 -10.05 -8.23
C GLY C 141 2.66 -11.12 -8.13
N LYS C 142 3.04 -11.68 -9.28
CA LYS C 142 4.17 -12.60 -9.35
C LYS C 142 5.43 -11.96 -9.89
N LYS C 143 5.30 -10.91 -10.73
CA LYS C 143 6.46 -10.16 -11.13
C LYS C 143 7.07 -9.40 -9.96
N ARG C 144 6.21 -8.87 -9.08
CA ARG C 144 6.72 -8.16 -7.91
C ARG C 144 7.24 -9.15 -6.86
N MET C 145 6.93 -10.43 -7.02
CA MET C 145 7.55 -11.45 -6.17
C MET C 145 8.99 -11.72 -6.56
N ALA C 146 9.37 -11.36 -7.80
CA ALA C 146 10.71 -11.62 -8.28
C ALA C 146 11.74 -10.76 -7.56
N PHE C 147 11.49 -9.45 -7.47
CA PHE C 147 12.39 -8.60 -6.70
C PHE C 147 12.23 -8.84 -5.21
N ALA C 148 11.05 -9.30 -4.77
CA ALA C 148 10.88 -9.75 -3.40
C ALA C 148 11.73 -10.99 -3.13
N GLU C 149 11.91 -11.84 -4.15
CA GLU C 149 12.88 -12.91 -4.05
C GLU C 149 14.31 -12.37 -4.05
N GLN C 150 14.59 -11.37 -4.90
CA GLN C 150 15.90 -10.73 -4.87
C GLN C 150 16.07 -9.85 -3.64
N GLY C 151 14.97 -9.44 -3.03
CA GLY C 151 15.06 -8.71 -1.78
C GLY C 151 15.55 -9.58 -0.63
N ILE C 152 15.39 -10.91 -0.76
CA ILE C 152 15.97 -11.82 0.22
C ILE C 152 17.48 -11.79 0.15
N THR C 153 18.04 -11.74 -1.06
CA THR C 153 19.48 -11.58 -1.23
C THR C 153 19.96 -10.23 -0.69
N GLU C 154 19.10 -9.21 -0.78
CA GLU C 154 19.38 -7.92 -0.16
C GLU C 154 19.45 -8.02 1.36
N LEU C 155 18.78 -9.02 1.95
CA LEU C 155 18.80 -9.22 3.39
C LEU C 155 19.61 -10.44 3.84
N SER C 156 19.99 -11.32 2.91
CA SER C 156 20.74 -12.51 3.28
C SER C 156 22.20 -12.20 3.60
N LYS C 157 22.72 -11.06 3.15
CA LYS C 157 24.12 -10.71 3.35
C LYS C 157 24.29 -9.56 4.33
N HIS C 158 23.25 -9.24 5.10
CA HIS C 158 23.35 -8.18 6.10
C HIS C 158 22.71 -8.51 7.45
N VAL C 159 21.91 -9.56 7.55
CA VAL C 159 21.23 -9.92 8.79
C VAL C 159 21.62 -11.34 9.17
N ASP C 160 21.93 -11.54 10.46
CA ASP C 160 22.30 -12.87 10.92
C ASP C 160 21.14 -13.85 10.85
N SER C 161 19.92 -13.39 11.17
CA SER C 161 18.79 -14.31 11.29
C SER C 161 17.62 -13.82 10.45
N LEU C 162 17.16 -14.67 9.54
CA LEU C 162 16.04 -14.35 8.67
C LEU C 162 14.77 -14.99 9.23
N ILE C 163 13.86 -14.16 9.74
CA ILE C 163 12.53 -14.60 10.14
C ILE C 163 11.56 -14.19 9.05
N THR C 164 10.81 -15.15 8.53
CA THR C 164 9.90 -14.91 7.42
C THR C 164 8.50 -15.33 7.83
N ILE C 165 7.52 -14.47 7.57
CA ILE C 165 6.11 -14.81 7.77
C ILE C 165 5.39 -14.62 6.44
N PRO C 166 5.49 -15.58 5.52
CA PRO C 166 4.91 -15.40 4.19
C PRO C 166 3.40 -15.29 4.21
N ASN C 167 2.87 -14.41 3.35
CA ASN C 167 1.43 -14.19 3.29
C ASN C 167 0.71 -15.22 2.43
N ASP C 168 1.45 -16.01 1.64
CA ASP C 168 0.85 -17.09 0.88
C ASP C 168 0.37 -18.23 1.78
N LYS C 169 0.95 -18.35 2.97
CA LYS C 169 0.53 -19.34 3.96
C LYS C 169 -0.39 -18.73 5.02
N LEU C 170 -0.94 -17.55 4.77
CA LEU C 170 -1.82 -16.91 5.76
C LEU C 170 -3.22 -17.54 5.73
N LEU C 171 -3.70 -17.91 4.54
CA LEU C 171 -5.04 -18.47 4.41
C LEU C 171 -5.13 -19.93 4.85
N LYS C 172 -4.05 -20.69 4.74
CA LYS C 172 -4.07 -22.11 5.11
C LYS C 172 -4.22 -22.32 6.61
N VAL C 173 -3.96 -21.30 7.41
CA VAL C 173 -4.01 -21.41 8.87
C VAL C 173 -5.15 -20.53 9.37
N LEU C 174 -6.10 -21.15 10.06
CA LEU C 174 -7.35 -20.53 10.51
C LEU C 174 -8.08 -19.87 9.35
N GLY C 175 -8.39 -20.69 8.34
CA GLY C 175 -9.10 -20.21 7.17
C GLY C 175 -10.60 -20.24 7.34
N ARG C 176 -11.10 -19.70 8.46
CA ARG C 176 -12.52 -19.66 8.77
C ARG C 176 -13.13 -18.30 8.49
N GLY C 177 -12.61 -17.58 7.50
CA GLY C 177 -13.04 -16.22 7.27
C GLY C 177 -12.68 -15.27 8.40
N ILE C 178 -11.43 -15.32 8.86
CA ILE C 178 -11.01 -14.46 9.96
C ILE C 178 -10.88 -13.02 9.48
N SER C 179 -10.80 -12.11 10.44
CA SER C 179 -10.66 -10.70 10.13
C SER C 179 -9.27 -10.40 9.58
N LEU C 180 -9.20 -9.38 8.72
CA LEU C 180 -7.91 -8.97 8.17
C LEU C 180 -6.99 -8.44 9.26
N LEU C 181 -7.57 -7.82 10.29
CA LEU C 181 -6.77 -7.44 11.45
C LEU C 181 -6.28 -8.66 12.20
N ASP C 182 -7.03 -9.77 12.17
CA ASP C 182 -6.68 -10.94 12.94
C ASP C 182 -5.53 -11.73 12.31
N ALA C 183 -5.57 -11.93 10.99
CA ALA C 183 -4.49 -12.66 10.33
C ALA C 183 -3.22 -11.82 10.27
N PHE C 184 -3.37 -10.51 10.10
CA PHE C 184 -2.23 -9.62 10.27
C PHE C 184 -1.75 -9.61 11.71
N GLY C 185 -2.70 -9.65 12.65
CA GLY C 185 -2.33 -9.69 14.06
C GLY C 185 -1.75 -11.02 14.50
N ALA C 186 -2.05 -12.10 13.77
CA ALA C 186 -1.45 -13.39 14.08
C ALA C 186 0.05 -13.39 13.78
N ALA C 187 0.44 -12.74 12.69
CA ALA C 187 1.86 -12.58 12.39
C ALA C 187 2.52 -11.65 13.39
N ASN C 188 1.76 -10.68 13.92
CA ASN C 188 2.29 -9.77 14.93
C ASN C 188 2.57 -10.51 16.23
N ASP C 189 1.69 -11.43 16.62
CA ASP C 189 1.90 -12.19 17.84
C ASP C 189 3.06 -13.16 17.71
N VAL C 190 3.43 -13.52 16.48
CA VAL C 190 4.67 -14.27 16.26
C VAL C 190 5.87 -13.41 16.65
N LEU C 191 5.88 -12.15 16.21
CA LEU C 191 7.02 -11.29 16.49
C LEU C 191 6.99 -10.85 17.96
N LYS C 192 5.81 -10.59 18.50
CA LYS C 192 5.69 -10.24 19.91
C LYS C 192 6.13 -11.38 20.80
N GLY C 193 5.77 -12.61 20.45
CA GLY C 193 6.29 -13.76 21.18
C GLY C 193 7.79 -13.91 21.00
N ALA C 194 8.32 -13.49 19.85
CA ALA C 194 9.77 -13.52 19.65
C ALA C 194 10.47 -12.49 20.51
N VAL C 195 9.89 -11.29 20.61
CA VAL C 195 10.47 -10.23 21.43
C VAL C 195 10.31 -10.56 22.91
N GLN C 196 9.11 -10.98 23.31
CA GLN C 196 8.88 -11.29 24.72
C GLN C 196 9.56 -12.59 25.12
N GLY C 197 9.75 -13.51 24.17
CA GLY C 197 10.43 -14.76 24.50
C GLY C 197 11.89 -14.58 24.85
N ILE C 198 12.59 -13.72 24.10
CA ILE C 198 13.98 -13.40 24.43
C ILE C 198 14.03 -12.58 25.72
N ALA C 199 13.07 -11.68 25.90
CA ALA C 199 13.06 -10.79 27.06
C ALA C 199 12.86 -11.56 28.35
N GLU C 200 11.89 -12.47 28.39
CA GLU C 200 11.66 -13.26 29.60
C GLU C 200 12.79 -14.26 29.84
N LEU C 201 13.52 -14.64 28.78
CA LEU C 201 14.64 -15.55 28.92
C LEU C 201 15.79 -14.90 29.67
N ILE C 202 16.20 -13.71 29.24
CA ILE C 202 17.44 -13.11 29.75
C ILE C 202 17.19 -12.43 31.09
N THR C 203 16.09 -11.69 31.22
CA THR C 203 15.78 -10.93 32.42
C THR C 203 15.59 -11.82 33.64
N ARG C 204 14.96 -12.98 33.49
CA ARG C 204 14.71 -13.86 34.62
C ARG C 204 15.99 -14.59 35.02
N PRO C 205 16.38 -14.51 36.30
CA PRO C 205 17.50 -15.32 36.86
C PRO C 205 17.03 -16.62 37.50
N GLY C 206 16.71 -17.62 36.67
CA GLY C 206 16.12 -18.84 37.16
C GLY C 206 17.10 -19.72 37.92
N LEU C 207 16.61 -20.90 38.33
CA LEU C 207 17.45 -21.88 39.01
C LEU C 207 18.58 -22.35 38.12
N MET C 208 18.28 -22.63 36.85
CA MET C 208 19.28 -22.69 35.80
C MET C 208 19.10 -21.42 34.97
N ASN C 209 20.18 -20.93 34.36
CA ASN C 209 20.17 -19.55 33.87
C ASN C 209 20.87 -19.47 32.52
N VAL C 210 20.13 -19.01 31.53
CA VAL C 210 20.64 -18.64 30.22
C VAL C 210 20.57 -17.13 30.11
N ASP C 211 21.60 -16.51 29.53
CA ASP C 211 21.74 -15.07 29.30
C ASP C 211 22.29 -14.85 27.90
N PHE C 212 22.75 -13.63 27.65
CA PHE C 212 23.10 -13.15 26.31
C PHE C 212 24.20 -13.96 25.63
N ALA C 213 25.14 -14.52 26.39
CA ALA C 213 26.38 -15.04 25.80
C ALA C 213 26.13 -16.27 24.95
N ASP C 214 25.41 -17.26 25.48
CA ASP C 214 25.07 -18.43 24.67
C ASP C 214 23.89 -18.16 23.75
N VAL C 215 23.14 -17.07 24.00
CA VAL C 215 22.18 -16.61 23.00
C VAL C 215 22.91 -16.20 21.73
N ARG C 216 24.01 -15.45 21.89
CA ARG C 216 24.72 -14.87 20.75
C ARG C 216 25.28 -15.92 19.80
N THR C 217 25.79 -17.03 20.35
CA THR C 217 26.46 -18.04 19.53
C THR C 217 25.50 -18.95 18.78
N VAL C 218 24.19 -18.85 19.02
CA VAL C 218 23.23 -19.75 18.37
C VAL C 218 22.90 -19.27 16.96
N MET C 219 22.43 -18.02 16.83
CA MET C 219 21.99 -17.55 15.53
C MET C 219 23.10 -16.91 14.71
N SER C 220 24.35 -17.02 15.16
CA SER C 220 25.50 -16.59 14.38
C SER C 220 25.89 -17.58 13.30
N GLU C 221 25.04 -18.56 13.00
CA GLU C 221 25.28 -19.52 11.93
C GLU C 221 24.89 -18.97 10.56
N MET C 222 24.32 -17.75 10.51
CA MET C 222 24.02 -17.02 9.28
C MET C 222 23.06 -17.79 8.38
N GLY C 223 21.84 -17.99 8.87
CA GLY C 223 20.83 -18.68 8.12
C GLY C 223 19.40 -18.29 8.48
N TYR C 224 18.42 -19.00 7.94
CA TYR C 224 17.03 -18.75 8.29
C TYR C 224 16.77 -19.18 9.73
N ALA C 225 15.83 -18.49 10.37
CA ALA C 225 15.55 -18.66 11.79
C ALA C 225 14.07 -18.89 12.01
N MET C 226 13.74 -19.31 13.23
CA MET C 226 12.38 -19.56 13.67
C MET C 226 12.41 -19.52 15.18
N MET C 227 11.55 -18.72 15.79
CA MET C 227 11.53 -18.59 17.25
C MET C 227 10.14 -18.23 17.74
N GLY C 228 9.54 -19.15 18.49
CA GLY C 228 8.26 -18.90 19.11
C GLY C 228 8.11 -19.71 20.38
N SER C 229 7.08 -19.38 21.15
CA SER C 229 6.91 -19.94 22.48
C SER C 229 5.64 -20.78 22.52
N GLY C 230 5.77 -22.06 22.85
CA GLY C 230 4.63 -22.94 23.01
C GLY C 230 4.31 -23.11 24.48
N VAL C 231 3.03 -23.00 24.80
CA VAL C 231 2.54 -23.03 26.17
C VAL C 231 1.53 -24.16 26.28
N ALA C 232 1.75 -25.06 27.24
CA ALA C 232 0.84 -26.16 27.47
C ALA C 232 0.64 -26.38 28.96
N SER C 233 -0.50 -26.98 29.29
CA SER C 233 -0.85 -27.31 30.67
C SER C 233 -1.66 -28.60 30.65
N GLY C 234 -1.30 -29.55 31.50
CA GLY C 234 -2.00 -30.81 31.58
C GLY C 234 -1.08 -31.91 32.06
N GLU C 235 -1.53 -33.15 31.87
CA GLU C 235 -0.73 -34.30 32.29
C GLU C 235 0.46 -34.52 31.36
N ASP C 236 0.24 -34.41 30.05
CA ASP C 236 1.31 -34.51 29.07
C ASP C 236 1.63 -33.15 28.46
N ARG C 237 1.65 -32.12 29.31
CA ARG C 237 1.95 -30.76 28.89
C ARG C 237 3.36 -30.60 28.33
N ALA C 238 4.26 -31.53 28.59
CA ALA C 238 5.61 -31.42 28.06
C ALA C 238 5.62 -31.65 26.55
N GLU C 239 4.93 -32.70 26.08
CA GLU C 239 4.93 -32.98 24.65
C GLU C 239 4.07 -31.98 23.88
N GLU C 240 3.02 -31.46 24.52
CA GLU C 240 2.19 -30.46 23.85
C GLU C 240 2.90 -29.12 23.75
N ALA C 241 3.73 -28.78 24.73
CA ALA C 241 4.49 -27.53 24.67
C ALA C 241 5.67 -27.65 23.71
N ALA C 242 6.34 -28.80 23.71
CA ALA C 242 7.48 -28.99 22.81
C ALA C 242 7.04 -29.02 21.36
N GLU C 243 5.90 -29.64 21.07
CA GLU C 243 5.44 -29.71 19.69
C GLU C 243 4.81 -28.40 19.23
N MET C 244 4.21 -27.64 20.14
CA MET C 244 3.66 -26.34 19.74
C MET C 244 4.77 -25.33 19.50
N ALA C 245 5.84 -25.38 20.30
CA ALA C 245 6.93 -24.43 20.14
C ALA C 245 7.72 -24.69 18.86
N ILE C 246 7.82 -25.96 18.43
CA ILE C 246 8.53 -26.27 17.19
C ILE C 246 7.63 -26.08 15.98
N SER C 247 6.31 -26.02 16.16
CA SER C 247 5.38 -25.83 15.07
C SER C 247 5.23 -24.34 14.78
N SER C 248 5.61 -23.93 13.58
CA SER C 248 5.37 -22.57 13.09
C SER C 248 4.55 -22.71 11.83
N PRO C 249 3.22 -22.66 11.94
CA PRO C 249 2.36 -22.88 10.78
C PRO C 249 2.32 -21.71 9.81
N LEU C 250 2.99 -20.59 10.13
CA LEU C 250 2.94 -19.38 9.34
C LEU C 250 4.15 -19.21 8.42
N LEU C 251 4.74 -20.32 7.97
CA LEU C 251 5.87 -20.28 7.05
C LEU C 251 5.62 -21.22 5.87
N GLU C 252 6.30 -20.94 4.76
CA GLU C 252 6.20 -21.76 3.54
C GLU C 252 6.68 -23.18 3.79
N ASP C 253 7.97 -23.32 4.06
CA ASP C 253 8.58 -24.60 4.39
C ASP C 253 9.55 -24.33 5.53
N ILE C 254 9.27 -24.91 6.70
CA ILE C 254 10.07 -24.60 7.88
C ILE C 254 11.49 -25.19 7.74
N ASP C 255 11.59 -26.38 7.13
CA ASP C 255 12.87 -27.04 6.81
C ASP C 255 13.75 -27.21 8.05
N LEU C 256 13.21 -27.93 9.04
CA LEU C 256 13.95 -28.17 10.28
C LEU C 256 15.19 -29.02 10.07
N SER C 257 15.19 -29.88 9.05
CA SER C 257 16.35 -30.72 8.80
C SER C 257 17.55 -29.88 8.35
N GLY C 258 18.72 -30.22 8.86
CA GLY C 258 19.92 -29.49 8.51
C GLY C 258 20.12 -28.19 9.26
N ALA C 259 19.55 -28.07 10.45
CA ALA C 259 19.74 -26.87 11.26
C ALA C 259 21.16 -26.83 11.83
N ARG C 260 21.61 -25.62 12.17
CA ARG C 260 22.96 -25.43 12.68
C ARG C 260 23.02 -24.81 14.07
N GLY C 261 21.89 -24.38 14.64
CA GLY C 261 21.88 -23.83 15.98
C GLY C 261 20.52 -23.90 16.64
N VAL C 262 20.46 -24.45 17.84
CA VAL C 262 19.22 -24.64 18.57
C VAL C 262 19.34 -24.00 19.95
N LEU C 263 18.30 -23.29 20.39
CA LEU C 263 18.24 -22.73 21.72
C LEU C 263 16.88 -23.04 22.32
N VAL C 264 16.87 -23.76 23.44
CA VAL C 264 15.63 -24.20 24.09
C VAL C 264 15.62 -23.66 25.52
N ASN C 265 14.50 -23.09 25.92
CA ASN C 265 14.28 -22.63 27.29
C ASN C 265 13.07 -23.37 27.85
N ILE C 266 13.18 -23.80 29.11
CA ILE C 266 12.12 -24.54 29.79
C ILE C 266 11.68 -23.72 31.01
N THR C 267 10.37 -23.52 31.14
CA THR C 267 9.81 -22.84 32.29
C THR C 267 8.76 -23.73 32.92
N ALA C 268 8.86 -23.98 34.22
CA ALA C 268 7.89 -24.78 34.94
C ALA C 268 7.96 -24.43 36.41
N GLY C 269 6.93 -24.82 37.16
CA GLY C 269 6.92 -24.64 38.59
C GLY C 269 7.78 -25.69 39.28
N PHE C 270 7.78 -25.63 40.61
CA PHE C 270 8.64 -26.50 41.41
C PHE C 270 8.26 -27.97 41.35
N ASP C 271 7.11 -28.31 40.76
CA ASP C 271 6.75 -29.69 40.49
C ASP C 271 7.28 -30.20 39.15
N LEU C 272 8.30 -29.54 38.61
CA LEU C 272 8.86 -29.94 37.32
C LEU C 272 9.53 -31.31 37.45
N ARG C 273 9.29 -32.16 36.45
CA ARG C 273 9.66 -33.56 36.50
C ARG C 273 10.72 -33.84 35.43
N LEU C 274 11.63 -34.78 35.74
CA LEU C 274 12.63 -35.21 34.77
C LEU C 274 11.97 -35.82 33.53
N ASP C 275 10.81 -36.45 33.69
CA ASP C 275 10.04 -36.91 32.53
C ASP C 275 9.56 -35.73 31.70
N GLU C 276 9.20 -34.61 32.32
CA GLU C 276 8.81 -33.43 31.57
C GLU C 276 10.00 -32.83 30.83
N PHE C 277 11.18 -32.83 31.45
CA PHE C 277 12.36 -32.25 30.81
C PHE C 277 12.84 -33.09 29.63
N GLU C 278 12.82 -34.42 29.76
CA GLU C 278 13.36 -35.26 28.70
C GLU C 278 12.48 -35.21 27.46
N THR C 279 11.16 -35.25 27.63
CA THR C 279 10.24 -35.36 26.50
C THR C 279 10.16 -34.07 25.71
N VAL C 280 10.41 -32.92 26.35
CA VAL C 280 10.62 -31.70 25.59
C VAL C 280 11.93 -31.80 24.80
N GLY C 281 12.98 -32.27 25.47
CA GLY C 281 14.26 -32.41 24.80
C GLY C 281 14.37 -33.62 23.90
N ASN C 282 13.43 -34.55 24.00
CA ASN C 282 13.48 -35.73 23.14
C ASN C 282 13.16 -35.38 21.70
N THR C 283 12.26 -34.43 21.48
CA THR C 283 11.84 -34.10 20.12
C THR C 283 12.75 -33.06 19.46
N ILE C 284 13.74 -32.54 20.17
CA ILE C 284 14.50 -31.41 19.63
C ILE C 284 15.75 -31.88 18.89
N ARG C 285 16.29 -33.06 19.24
CA ARG C 285 17.50 -33.53 18.58
C ARG C 285 17.20 -34.53 17.47
N ALA C 286 15.93 -34.84 17.21
CA ALA C 286 15.59 -35.74 16.11
C ALA C 286 15.98 -35.13 14.77
N PHE C 287 15.66 -33.86 14.57
CA PHE C 287 16.09 -33.13 13.38
C PHE C 287 17.41 -32.40 13.57
N ALA C 288 17.86 -32.22 14.81
CA ALA C 288 19.13 -31.57 15.12
C ALA C 288 20.21 -32.59 15.46
N SER C 289 20.13 -33.79 14.88
CA SER C 289 21.11 -34.84 15.10
C SER C 289 22.34 -34.70 14.23
N ASP C 290 22.39 -33.69 13.37
CA ASP C 290 23.53 -33.48 12.49
C ASP C 290 24.67 -32.82 13.26
N ASN C 291 25.70 -32.37 12.53
CA ASN C 291 26.86 -31.75 13.16
C ASN C 291 26.49 -30.32 13.54
N ALA C 292 25.77 -30.19 14.65
CA ALA C 292 25.25 -28.90 15.07
C ALA C 292 25.17 -28.86 16.60
N THR C 293 25.17 -27.63 17.13
CA THR C 293 25.16 -27.41 18.56
C THR C 293 23.76 -27.07 19.05
N VAL C 294 23.43 -27.53 20.25
CA VAL C 294 22.13 -27.30 20.86
C VAL C 294 22.36 -26.73 22.26
N VAL C 295 21.67 -25.63 22.57
CA VAL C 295 21.74 -24.98 23.88
C VAL C 295 20.39 -25.16 24.56
N ILE C 296 20.42 -25.59 25.83
CA ILE C 296 19.21 -25.91 26.57
C ILE C 296 19.21 -25.09 27.85
N GLY C 297 18.05 -24.55 28.20
CA GLY C 297 17.88 -23.83 29.45
C GLY C 297 16.78 -24.47 30.26
N THR C 298 16.60 -23.95 31.48
CA THR C 298 15.58 -24.43 32.40
C THR C 298 15.31 -23.33 33.41
N SER C 299 14.03 -23.10 33.72
CA SER C 299 13.67 -22.11 34.72
C SER C 299 12.64 -22.68 35.67
N LEU C 300 12.73 -22.31 36.95
CA LEU C 300 11.85 -22.81 38.00
C LEU C 300 11.21 -21.62 38.69
N ASP C 301 10.01 -21.23 38.24
CA ASP C 301 9.33 -20.08 38.81
C ASP C 301 8.28 -20.53 39.81
N PRO C 302 8.39 -20.16 41.08
CA PRO C 302 7.50 -20.72 42.11
C PRO C 302 6.12 -20.09 42.17
N ASP C 303 5.99 -18.81 41.82
CA ASP C 303 4.73 -18.10 42.03
C ASP C 303 3.66 -18.53 41.04
N MET C 304 4.05 -18.70 39.78
CA MET C 304 3.10 -19.06 38.73
C MET C 304 2.68 -20.53 38.85
N ASN C 305 1.50 -20.82 38.33
CA ASN C 305 0.84 -22.11 38.55
C ASN C 305 1.38 -23.15 37.58
N ASP C 306 0.67 -24.29 37.47
CA ASP C 306 1.10 -25.49 36.76
C ASP C 306 1.20 -25.32 35.25
N GLU C 307 0.94 -24.13 34.71
CA GLU C 307 1.16 -23.88 33.30
C GLU C 307 2.65 -23.98 32.98
N LEU C 308 2.97 -24.60 31.85
CA LEU C 308 4.36 -24.79 31.44
C LEU C 308 4.59 -24.03 30.13
N ARG C 309 5.82 -23.56 29.96
CA ARG C 309 6.22 -22.76 28.80
C ARG C 309 7.50 -23.32 28.20
N VAL C 310 7.58 -23.34 26.88
CA VAL C 310 8.77 -23.77 26.15
C VAL C 310 9.05 -22.77 25.04
N THR C 311 10.26 -22.22 25.02
CA THR C 311 10.70 -21.30 23.98
C THR C 311 11.82 -21.96 23.20
N VAL C 312 11.66 -22.05 21.88
CA VAL C 312 12.62 -22.73 21.01
C VAL C 312 13.07 -21.77 19.92
N VAL C 313 14.38 -21.63 19.76
CA VAL C 313 14.98 -20.86 18.68
C VAL C 313 15.81 -21.82 17.84
N ALA C 314 15.61 -21.80 16.53
CA ALA C 314 16.29 -22.72 15.61
C ALA C 314 16.78 -21.94 14.40
N THR C 315 18.08 -21.63 14.39
CA THR C 315 18.70 -20.85 13.32
C THR C 315 19.78 -21.69 12.64
N GLY C 316 19.94 -21.48 11.33
CA GLY C 316 20.93 -22.22 10.58
C GLY C 316 20.32 -23.22 9.62
N ILE C 317 19.19 -22.83 9.03
CA ILE C 317 18.46 -23.69 8.11
C ILE C 317 19.29 -23.83 6.83
N GLY C 318 19.91 -25.00 6.65
CA GLY C 318 20.73 -25.24 5.48
C GLY C 318 20.21 -26.35 4.60
N ALA D 13 41.12 -30.68 59.88
CA ALA D 13 41.56 -29.29 59.75
C ALA D 13 40.44 -28.43 59.18
N VAL D 14 40.76 -27.67 58.13
CA VAL D 14 39.79 -26.81 57.45
C VAL D 14 39.82 -27.15 55.97
N ILE D 15 38.63 -27.28 55.37
CA ILE D 15 38.49 -27.77 54.00
C ILE D 15 37.62 -26.79 53.21
N LYS D 16 37.74 -26.88 51.88
CA LYS D 16 37.11 -25.94 50.97
C LYS D 16 36.45 -26.70 49.83
N VAL D 17 35.36 -26.13 49.29
CA VAL D 17 34.72 -26.62 48.09
C VAL D 17 34.54 -25.44 47.15
N ILE D 18 35.19 -25.50 45.99
CA ILE D 18 35.12 -24.44 45.00
C ILE D 18 34.27 -24.95 43.85
N GLY D 19 33.01 -24.51 43.80
CA GLY D 19 32.10 -24.91 42.76
C GLY D 19 32.00 -23.88 41.66
N VAL D 20 32.54 -24.21 40.49
CA VAL D 20 32.61 -23.27 39.38
C VAL D 20 31.38 -23.45 38.50
N GLY D 21 31.03 -22.41 37.77
CA GLY D 21 29.86 -22.45 36.93
C GLY D 21 28.58 -22.25 37.71
N GLY D 22 27.49 -22.07 36.96
CA GLY D 22 26.18 -21.91 37.59
C GLY D 22 25.68 -23.18 38.25
N GLY D 23 25.84 -24.32 37.57
CA GLY D 23 25.44 -25.59 38.14
C GLY D 23 26.28 -25.98 39.34
N GLY D 24 27.57 -25.65 39.32
CA GLY D 24 28.40 -25.88 40.48
C GLY D 24 27.98 -25.02 41.65
N GLY D 25 27.52 -23.80 41.39
CA GLY D 25 26.96 -22.98 42.45
C GLY D 25 25.67 -23.56 43.01
N ASN D 26 24.91 -24.27 42.17
CA ASN D 26 23.71 -24.96 42.64
C ASN D 26 24.06 -26.08 43.60
N ALA D 27 25.21 -26.73 43.39
CA ALA D 27 25.71 -27.69 44.37
C ALA D 27 26.09 -26.99 45.67
N VAL D 28 26.65 -25.78 45.57
CA VAL D 28 27.09 -25.06 46.75
C VAL D 28 25.91 -24.57 47.57
N GLU D 29 24.87 -24.03 46.91
CA GLU D 29 23.74 -23.43 47.62
C GLU D 29 22.94 -24.50 48.36
N HIS D 30 23.04 -25.75 47.93
CA HIS D 30 22.44 -26.85 48.68
C HIS D 30 23.11 -27.03 50.03
N MET D 31 24.42 -26.78 50.11
CA MET D 31 25.18 -27.05 51.32
C MET D 31 25.12 -25.90 52.31
N VAL D 32 24.71 -24.71 51.85
CA VAL D 32 24.52 -23.57 52.75
C VAL D 32 23.29 -23.84 53.63
N ARG D 33 23.26 -23.18 54.79
CA ARG D 33 22.25 -23.16 55.87
C ARG D 33 22.08 -24.52 56.53
N GLU D 34 22.93 -25.50 56.23
CA GLU D 34 23.03 -26.70 57.05
C GLU D 34 23.99 -26.45 58.21
N ARG D 35 24.13 -27.47 59.06
CA ARG D 35 25.09 -27.41 60.16
C ARG D 35 26.47 -27.69 59.59
N ILE D 36 27.35 -26.68 59.63
CA ILE D 36 28.63 -26.73 58.97
C ILE D 36 29.73 -26.63 60.02
N GLU D 37 30.71 -27.52 59.94
CA GLU D 37 31.81 -27.59 60.90
C GLU D 37 33.13 -27.50 60.17
N GLY D 38 33.76 -26.33 60.22
CA GLY D 38 35.11 -26.15 59.68
C GLY D 38 35.20 -26.19 58.17
N VAL D 39 34.11 -25.89 57.46
CA VAL D 39 34.08 -25.94 56.00
C VAL D 39 33.62 -24.58 55.50
N GLU D 40 34.33 -24.07 54.48
CA GLU D 40 33.91 -22.84 53.82
C GLU D 40 33.70 -23.13 52.33
N PHE D 41 32.75 -22.42 51.75
CA PHE D 41 32.37 -22.60 50.35
C PHE D 41 32.58 -21.31 49.58
N PHE D 42 33.14 -21.44 48.37
CA PHE D 42 33.40 -20.32 47.49
C PHE D 42 32.67 -20.56 46.18
N ALA D 43 31.94 -19.55 45.71
CA ALA D 43 31.13 -19.64 44.50
C ALA D 43 31.86 -18.97 43.35
N VAL D 44 32.07 -19.71 42.26
CA VAL D 44 32.77 -19.21 41.08
C VAL D 44 31.79 -19.25 39.91
N ASN D 45 31.64 -18.12 39.22
CA ASN D 45 30.80 -18.07 38.04
C ASN D 45 31.24 -16.94 37.14
N THR D 46 31.52 -17.27 35.87
CA THR D 46 31.74 -16.22 34.87
C THR D 46 30.49 -15.40 34.63
N ASP D 47 29.34 -16.06 34.66
CA ASP D 47 28.05 -15.39 34.50
C ASP D 47 27.59 -14.89 35.86
N ALA D 48 27.36 -13.60 35.99
CA ALA D 48 27.06 -12.99 37.28
C ALA D 48 25.57 -12.95 37.62
N GLN D 49 24.69 -13.32 36.69
CA GLN D 49 23.26 -13.29 36.98
C GLN D 49 22.87 -14.42 37.94
N ALA D 50 23.56 -15.55 37.86
CA ALA D 50 23.27 -16.66 38.77
C ALA D 50 23.78 -16.38 40.18
N LEU D 51 24.76 -15.50 40.32
CA LEU D 51 25.28 -15.12 41.63
C LEU D 51 24.44 -14.06 42.31
N ARG D 52 23.40 -13.57 41.64
CA ARG D 52 22.58 -12.50 42.20
C ARG D 52 21.77 -12.98 43.41
N LYS D 53 21.11 -14.13 43.26
CA LYS D 53 20.24 -14.68 44.30
C LYS D 53 20.77 -16.04 44.72
N THR D 54 21.71 -16.05 45.67
CA THR D 54 22.24 -17.27 46.23
C THR D 54 22.30 -17.15 47.74
N ALA D 55 22.16 -18.29 48.42
CA ALA D 55 22.25 -18.32 49.87
C ALA D 55 23.69 -18.28 50.37
N VAL D 56 24.67 -18.56 49.51
CA VAL D 56 26.07 -18.54 49.91
C VAL D 56 26.51 -17.11 50.20
N GLY D 57 27.22 -16.93 51.31
CA GLY D 57 27.57 -15.61 51.80
C GLY D 57 28.72 -14.93 51.12
N GLN D 58 29.40 -15.60 50.19
CA GLN D 58 30.51 -15.01 49.46
C GLN D 58 30.46 -15.43 48.00
N THR D 59 30.72 -14.48 47.11
CA THR D 59 30.63 -14.71 45.67
C THR D 59 31.88 -14.21 45.00
N ILE D 60 32.30 -14.90 43.94
CA ILE D 60 33.48 -14.55 43.18
C ILE D 60 33.08 -14.49 41.71
N GLN D 61 33.29 -13.32 41.08
CA GLN D 61 32.99 -13.12 39.67
C GLN D 61 34.30 -13.13 38.89
N ILE D 62 34.41 -14.06 37.94
CA ILE D 62 35.64 -14.27 37.18
C ILE D 62 35.39 -13.99 35.72
N GLY D 63 36.23 -13.14 35.12
CA GLY D 63 35.99 -12.65 33.79
C GLY D 63 35.09 -11.44 33.75
N SER D 64 35.08 -10.62 34.80
CA SER D 64 34.21 -9.46 34.86
C SER D 64 34.61 -8.38 33.86
N GLY D 65 35.88 -8.35 33.44
CA GLY D 65 36.31 -7.39 32.46
C GLY D 65 36.22 -7.91 31.04
N ILE D 66 35.88 -9.18 30.89
CA ILE D 66 35.80 -9.81 29.58
C ILE D 66 34.36 -10.13 29.17
N THR D 67 33.40 -10.12 30.10
CA THR D 67 32.02 -10.45 29.78
C THR D 67 30.99 -9.47 30.34
N LYS D 68 31.37 -8.58 31.26
CA LYS D 68 30.43 -7.69 31.99
C LYS D 68 29.35 -8.49 32.71
N GLY D 69 29.72 -9.65 33.24
CA GLY D 69 28.78 -10.48 33.97
C GLY D 69 27.90 -11.38 33.13
N LEU D 70 28.42 -11.91 32.02
CA LEU D 70 27.67 -12.82 31.16
C LEU D 70 28.37 -14.17 31.12
N GLY D 71 27.74 -15.12 30.41
CA GLY D 71 28.22 -16.48 30.37
C GLY D 71 29.36 -16.69 29.41
N ALA D 72 29.61 -17.96 29.12
CA ALA D 72 30.73 -18.35 28.25
C ALA D 72 30.28 -18.82 26.87
N GLY D 73 28.98 -19.03 26.67
CA GLY D 73 28.53 -19.47 25.36
C GLY D 73 28.81 -20.94 25.10
N ALA D 74 28.52 -21.35 23.86
CA ALA D 74 28.74 -22.74 23.45
C ALA D 74 30.19 -23.02 23.10
N ASN D 75 31.04 -22.00 23.06
CA ASN D 75 32.47 -22.20 22.88
C ASN D 75 33.13 -22.13 24.24
N PRO D 76 33.72 -23.22 24.74
CA PRO D 76 34.34 -23.17 26.07
C PRO D 76 35.65 -22.42 26.14
N GLU D 77 36.19 -21.95 25.00
CA GLU D 77 37.38 -21.13 25.02
C GLU D 77 37.12 -19.79 25.72
N VAL D 78 35.89 -19.29 25.65
CA VAL D 78 35.53 -18.09 26.41
C VAL D 78 35.56 -18.38 27.90
N GLY D 79 35.05 -19.55 28.30
CA GLY D 79 35.10 -19.93 29.70
C GLY D 79 36.51 -20.19 30.19
N ARG D 80 37.37 -20.74 29.32
CA ARG D 80 38.75 -21.00 29.70
C ARG D 80 39.55 -19.70 29.81
N ASN D 81 39.35 -18.78 28.85
CA ASN D 81 40.13 -17.55 28.84
C ASN D 81 39.68 -16.60 29.94
N ALA D 82 38.39 -16.61 30.28
CA ALA D 82 37.91 -15.76 31.37
C ALA D 82 38.49 -16.18 32.71
N ALA D 83 38.63 -17.49 32.92
CA ALA D 83 39.24 -17.97 34.15
C ALA D 83 40.75 -17.79 34.14
N ASP D 84 41.36 -17.86 32.96
CA ASP D 84 42.82 -17.79 32.86
C ASP D 84 43.33 -16.41 33.25
N GLU D 85 42.61 -15.35 32.88
CA GLU D 85 43.06 -14.00 33.17
C GLU D 85 42.79 -13.57 34.60
N ASP D 86 41.94 -14.29 35.33
CA ASP D 86 41.72 -14.03 36.75
C ASP D 86 42.39 -15.06 37.64
N ARG D 87 43.53 -15.60 37.20
CA ARG D 87 44.28 -16.54 38.03
C ARG D 87 44.85 -15.87 39.27
N GLU D 88 45.01 -14.54 39.23
CA GLU D 88 45.36 -13.79 40.43
C GLU D 88 44.24 -13.84 41.46
N ALA D 89 42.99 -13.86 41.00
CA ALA D 89 41.84 -13.91 41.89
C ALA D 89 41.60 -15.29 42.48
N LEU D 90 41.98 -16.35 41.77
CA LEU D 90 41.73 -17.71 42.25
C LEU D 90 42.69 -18.10 43.36
N ARG D 91 43.94 -17.62 43.28
CA ARG D 91 44.96 -18.00 44.26
C ARG D 91 44.69 -17.37 45.62
N ALA D 92 44.12 -16.16 45.63
CA ALA D 92 43.91 -15.44 46.88
C ALA D 92 42.84 -16.09 47.74
N ALA D 93 41.77 -16.57 47.12
CA ALA D 93 40.70 -17.20 47.89
C ALA D 93 41.07 -18.61 48.36
N LEU D 94 42.02 -19.27 47.67
CA LEU D 94 42.45 -20.61 48.03
C LEU D 94 43.71 -20.46 48.88
N ASP D 95 43.51 -20.21 50.17
CA ASP D 95 44.62 -19.99 51.09
C ASP D 95 44.32 -20.67 52.41
N GLY D 96 45.36 -21.27 53.00
CA GLY D 96 45.19 -21.94 54.28
C GLY D 96 44.40 -23.22 54.21
N ALA D 97 44.21 -23.78 53.02
CA ALA D 97 43.43 -24.99 52.83
C ALA D 97 44.33 -26.13 52.41
N ASP D 98 43.82 -27.35 52.62
CA ASP D 98 44.53 -28.56 52.24
C ASP D 98 43.64 -29.60 51.58
N MET D 99 42.39 -29.26 51.27
CA MET D 99 41.47 -30.19 50.61
C MET D 99 40.43 -29.35 49.89
N VAL D 100 40.50 -29.31 48.56
CA VAL D 100 39.54 -28.57 47.75
C VAL D 100 38.84 -29.53 46.79
N PHE D 101 37.58 -29.24 46.52
CA PHE D 101 36.74 -30.05 45.64
C PHE D 101 36.18 -29.15 44.55
N ILE D 102 36.31 -29.58 43.31
CA ILE D 102 35.90 -28.81 42.15
C ILE D 102 34.54 -29.32 41.70
N ALA D 103 33.49 -28.52 41.92
CA ALA D 103 32.12 -28.89 41.59
C ALA D 103 31.72 -28.20 40.30
N ALA D 104 31.42 -28.98 39.27
CA ALA D 104 31.02 -28.42 38.00
C ALA D 104 30.21 -29.43 37.21
N GLY D 105 29.43 -28.93 36.27
CA GLY D 105 28.79 -29.76 35.28
C GLY D 105 29.48 -29.59 33.93
N MET D 106 30.23 -30.59 33.50
CA MET D 106 31.01 -30.45 32.29
C MET D 106 30.12 -30.54 31.05
N GLY D 107 30.69 -30.17 29.91
CA GLY D 107 29.99 -30.13 28.65
C GLY D 107 29.57 -28.76 28.18
N GLY D 108 29.73 -27.74 29.01
CA GLY D 108 29.30 -26.38 28.69
C GLY D 108 30.45 -25.47 28.29
N GLY D 109 30.31 -24.19 28.61
CA GLY D 109 31.35 -23.23 28.32
C GLY D 109 32.30 -22.96 29.47
N THR D 110 31.75 -22.62 30.63
CA THR D 110 32.58 -22.26 31.79
C THR D 110 33.11 -23.50 32.49
N GLY D 111 32.22 -24.43 32.85
CA GLY D 111 32.65 -25.60 33.61
C GLY D 111 33.59 -26.50 32.82
N THR D 112 33.51 -26.46 31.50
CA THR D 112 34.48 -27.18 30.68
C THR D 112 35.85 -26.51 30.73
N GLY D 113 35.89 -25.18 30.80
CA GLY D 113 37.15 -24.47 30.77
C GLY D 113 37.65 -23.95 32.11
N ALA D 114 36.75 -23.40 32.94
CA ALA D 114 37.18 -22.75 34.17
C ALA D 114 37.58 -23.75 35.24
N ALA D 115 36.92 -24.91 35.28
CA ALA D 115 37.28 -25.94 36.25
C ALA D 115 38.72 -26.47 36.11
N PRO D 116 39.27 -26.73 34.91
CA PRO D 116 40.71 -27.00 34.84
C PRO D 116 41.59 -25.83 35.30
N VAL D 117 41.12 -24.59 35.16
CA VAL D 117 41.92 -23.45 35.59
C VAL D 117 42.01 -23.38 37.11
N VAL D 118 40.89 -23.62 37.81
CA VAL D 118 40.92 -23.71 39.27
C VAL D 118 41.73 -24.92 39.70
N ALA D 119 41.70 -25.99 38.92
CA ALA D 119 42.61 -27.11 39.14
C ALA D 119 44.07 -26.71 38.94
N GLU D 120 44.32 -25.89 37.92
CA GLU D 120 45.69 -25.44 37.65
C GLU D 120 46.19 -24.53 38.77
N VAL D 121 45.31 -23.71 39.33
CA VAL D 121 45.64 -22.95 40.54
C VAL D 121 45.87 -23.91 41.71
N ALA D 122 45.02 -24.93 41.81
CA ALA D 122 45.14 -25.90 42.90
C ALA D 122 46.44 -26.70 42.81
N LYS D 123 46.80 -27.13 41.59
CA LYS D 123 48.03 -27.90 41.43
C LYS D 123 49.27 -27.03 41.62
N ASP D 124 49.19 -25.74 41.24
CA ASP D 124 50.34 -24.86 41.42
C ASP D 124 50.57 -24.52 42.88
N LEU D 125 49.53 -24.60 43.71
CA LEU D 125 49.62 -24.24 45.12
C LEU D 125 49.93 -25.43 46.02
N GLY D 126 50.20 -26.59 45.45
CA GLY D 126 50.56 -27.76 46.24
C GLY D 126 49.46 -28.27 47.13
N ILE D 127 48.23 -28.35 46.61
CA ILE D 127 47.07 -28.77 47.39
C ILE D 127 46.53 -30.04 46.74
N LEU D 128 45.81 -30.83 47.54
CA LEU D 128 45.20 -32.07 47.07
C LEU D 128 43.80 -31.75 46.57
N THR D 129 43.57 -31.93 45.27
CA THR D 129 42.32 -31.54 44.63
C THR D 129 41.64 -32.75 44.00
N VAL D 130 40.31 -32.77 44.10
CA VAL D 130 39.47 -33.78 43.48
C VAL D 130 38.36 -33.06 42.74
N ALA D 131 38.18 -33.37 41.47
CA ALA D 131 37.20 -32.69 40.62
C ALA D 131 35.98 -33.58 40.41
N VAL D 132 34.80 -33.01 40.61
CA VAL D 132 33.54 -33.71 40.42
C VAL D 132 32.84 -33.12 39.20
N VAL D 133 32.60 -33.94 38.19
CA VAL D 133 32.00 -33.47 36.95
C VAL D 133 30.77 -34.31 36.64
N THR D 134 29.87 -33.72 35.84
CA THR D 134 28.67 -34.40 35.35
C THR D 134 28.69 -34.36 33.82
N LYS D 135 28.89 -35.51 33.18
CA LYS D 135 28.80 -35.59 31.73
C LYS D 135 27.35 -35.36 31.30
N PRO D 136 27.12 -34.61 30.20
CA PRO D 136 25.74 -34.17 29.89
C PRO D 136 24.83 -35.29 29.42
N PHE D 137 23.55 -34.96 29.23
CA PHE D 137 22.57 -35.92 28.76
C PHE D 137 22.82 -36.27 27.30
N ASN D 138 22.35 -37.45 26.90
CA ASN D 138 22.58 -37.91 25.53
C ASN D 138 21.71 -37.17 24.53
N PHE D 139 20.49 -36.79 24.93
CA PHE D 139 19.61 -36.11 24.00
C PHE D 139 20.02 -34.66 23.74
N GLU D 140 20.80 -34.06 24.64
CA GLU D 140 21.23 -32.69 24.47
C GLU D 140 22.30 -32.51 23.39
N GLY D 141 22.85 -33.59 22.87
CA GLY D 141 23.79 -33.52 21.76
C GLY D 141 24.87 -34.56 21.84
N LYS D 142 25.21 -35.14 20.69
CA LYS D 142 26.32 -36.06 20.59
C LYS D 142 27.59 -35.42 20.03
N LYS D 143 27.44 -34.36 19.22
CA LYS D 143 28.61 -33.61 18.79
C LYS D 143 29.24 -32.88 19.96
N ARG D 144 28.41 -32.33 20.86
CA ARG D 144 28.95 -31.63 22.02
C ARG D 144 29.48 -32.61 23.06
N MET D 145 29.16 -33.89 22.91
CA MET D 145 29.78 -34.91 23.76
C MET D 145 31.22 -35.18 23.34
N ALA D 146 31.56 -34.84 22.09
CA ALA D 146 32.91 -35.12 21.60
C ALA D 146 33.95 -34.25 22.29
N PHE D 147 33.71 -32.94 22.39
CA PHE D 147 34.61 -32.10 23.17
C PHE D 147 34.44 -32.34 24.65
N ALA D 148 33.26 -32.80 25.08
CA ALA D 148 33.09 -33.25 26.46
C ALA D 148 33.93 -34.49 26.73
N GLU D 149 34.13 -35.33 25.72
CA GLU D 149 35.12 -36.40 25.82
C GLU D 149 36.54 -35.85 25.83
N GLN D 150 36.80 -34.83 25.00
CA GLN D 150 38.11 -34.17 25.05
C GLN D 150 38.24 -33.30 26.30
N GLY D 151 37.11 -32.90 26.89
CA GLY D 151 37.18 -32.18 28.16
C GLY D 151 37.64 -33.05 29.30
N ILE D 152 37.49 -34.37 29.17
CA ILE D 152 38.07 -35.29 30.15
C ILE D 152 39.59 -35.27 30.07
N THR D 153 40.14 -35.23 28.84
CA THR D 153 41.58 -35.07 28.67
C THR D 153 42.05 -33.72 29.22
N GLU D 154 41.21 -32.69 29.09
CA GLU D 154 41.48 -31.39 29.69
C GLU D 154 41.59 -31.46 31.21
N LEU D 155 40.95 -32.46 31.84
CA LEU D 155 41.00 -32.62 33.27
C LEU D 155 41.82 -33.83 33.72
N SER D 156 42.20 -34.72 32.80
CA SER D 156 42.97 -35.90 33.18
C SER D 156 44.43 -35.59 33.46
N LYS D 157 44.92 -34.42 33.02
CA LYS D 157 46.32 -34.05 33.22
C LYS D 157 46.49 -32.91 34.21
N HIS D 158 45.45 -32.60 34.99
CA HIS D 158 45.54 -31.53 35.97
C HIS D 158 44.91 -31.85 37.33
N VAL D 159 44.14 -32.93 37.45
CA VAL D 159 43.46 -33.27 38.70
C VAL D 159 43.90 -34.67 39.11
N ASP D 160 44.21 -34.83 40.40
CA ASP D 160 44.63 -36.12 40.92
C ASP D 160 43.52 -37.17 40.82
N SER D 161 42.28 -36.80 41.12
CA SER D 161 41.20 -37.77 41.20
C SER D 161 39.98 -37.26 40.45
N LEU D 162 39.51 -38.06 39.50
CA LEU D 162 38.37 -37.70 38.67
C LEU D 162 37.10 -38.34 39.20
N ILE D 163 36.13 -37.50 39.57
CA ILE D 163 34.80 -37.94 39.96
C ILE D 163 33.84 -37.57 38.84
N THR D 164 33.10 -38.56 38.34
CA THR D 164 32.16 -38.34 37.25
C THR D 164 30.77 -38.77 37.69
N ILE D 165 29.79 -37.91 37.44
CA ILE D 165 28.38 -38.27 37.67
C ILE D 165 27.64 -38.07 36.36
N PRO D 166 27.72 -39.01 35.42
CA PRO D 166 27.13 -38.79 34.10
C PRO D 166 25.62 -38.69 34.13
N ASN D 167 25.09 -37.80 33.30
CA ASN D 167 23.65 -37.58 33.22
C ASN D 167 22.94 -38.63 32.38
N ASP D 168 23.68 -39.43 31.61
CA ASP D 168 23.07 -40.52 30.85
C ASP D 168 22.60 -41.64 31.76
N LYS D 169 23.21 -41.79 32.94
CA LYS D 169 22.80 -42.77 33.94
C LYS D 169 21.88 -42.17 34.99
N LEU D 170 21.35 -40.97 34.75
CA LEU D 170 20.41 -40.37 35.69
C LEU D 170 19.03 -41.00 35.58
N LEU D 171 18.67 -41.48 34.37
CA LEU D 171 17.36 -42.08 34.12
C LEU D 171 17.23 -43.46 34.75
N LYS D 172 18.28 -44.27 34.68
CA LYS D 172 18.19 -45.68 35.09
C LYS D 172 18.05 -45.84 36.60
N VAL D 173 18.29 -44.79 37.37
CA VAL D 173 18.25 -44.85 38.82
C VAL D 173 17.09 -44.00 39.30
N LEU D 174 16.13 -44.64 39.98
CA LEU D 174 14.88 -44.04 40.44
C LEU D 174 14.15 -43.35 39.28
N GLY D 175 13.79 -44.17 38.29
CA GLY D 175 13.08 -43.68 37.13
C GLY D 175 11.58 -43.72 37.30
N ARG D 176 11.09 -43.25 38.45
CA ARG D 176 9.66 -43.19 38.76
C ARG D 176 9.07 -41.83 38.45
N GLY D 177 9.56 -41.15 37.43
CA GLY D 177 9.15 -39.79 37.18
C GLY D 177 9.58 -38.83 38.28
N ILE D 178 10.84 -38.90 38.71
CA ILE D 178 11.33 -38.00 39.75
C ILE D 178 11.48 -36.59 39.18
N SER D 179 11.56 -35.63 40.09
CA SER D 179 11.66 -34.23 39.70
C SER D 179 13.02 -33.94 39.08
N LEU D 180 13.07 -32.87 38.29
CA LEU D 180 14.35 -32.40 37.77
C LEU D 180 15.25 -31.92 38.89
N LEU D 181 14.66 -31.30 39.91
CA LEU D 181 15.41 -30.94 41.10
C LEU D 181 15.90 -32.18 41.84
N ASP D 182 15.09 -33.24 41.87
CA ASP D 182 15.46 -34.44 42.62
C ASP D 182 16.53 -35.24 41.90
N ALA D 183 16.44 -35.34 40.57
CA ALA D 183 17.47 -36.04 39.81
C ALA D 183 18.78 -35.28 39.83
N PHE D 184 18.71 -33.95 39.80
CA PHE D 184 19.92 -33.13 39.97
C PHE D 184 20.38 -33.13 41.42
N GLY D 185 19.44 -33.11 42.36
CA GLY D 185 19.80 -33.05 43.77
C GLY D 185 20.37 -34.35 44.31
N ALA D 186 20.13 -35.46 43.61
CA ALA D 186 20.74 -36.72 43.99
C ALA D 186 22.25 -36.67 43.79
N ALA D 187 22.70 -36.06 42.70
CA ALA D 187 24.12 -35.96 42.43
C ALA D 187 24.80 -34.98 43.38
N ASN D 188 24.04 -34.02 43.91
CA ASN D 188 24.61 -33.07 44.87
C ASN D 188 24.84 -33.74 46.22
N ASP D 189 23.99 -34.69 46.60
CA ASP D 189 24.23 -35.45 47.82
C ASP D 189 25.37 -36.44 47.64
N VAL D 190 25.71 -36.79 46.40
CA VAL D 190 26.92 -37.58 46.14
C VAL D 190 28.15 -36.77 46.51
N LEU D 191 28.19 -35.50 46.11
CA LEU D 191 29.34 -34.66 46.43
C LEU D 191 29.30 -34.25 47.89
N LYS D 192 28.10 -34.00 48.44
CA LYS D 192 27.99 -33.67 49.85
C LYS D 192 28.41 -34.86 50.72
N GLY D 193 28.06 -36.07 50.29
CA GLY D 193 28.59 -37.25 50.96
C GLY D 193 30.09 -37.39 50.80
N ALA D 194 30.61 -36.95 49.65
CA ALA D 194 32.06 -36.97 49.43
C ALA D 194 32.76 -35.97 50.34
N VAL D 195 32.17 -34.78 50.51
CA VAL D 195 32.76 -33.76 51.37
C VAL D 195 32.60 -34.15 52.84
N GLN D 196 31.39 -34.52 53.24
CA GLN D 196 31.14 -34.83 54.64
C GLN D 196 31.77 -36.15 55.05
N GLY D 197 31.95 -37.07 54.11
CA GLY D 197 32.63 -38.31 54.43
C GLY D 197 34.10 -38.11 54.76
N ILE D 198 34.78 -37.23 54.02
CA ILE D 198 36.17 -36.91 54.32
C ILE D 198 36.26 -36.11 55.61
N ALA D 199 35.34 -35.18 55.83
CA ALA D 199 35.39 -34.29 56.99
C ALA D 199 35.14 -35.07 58.28
N GLU D 200 34.13 -35.95 58.30
CA GLU D 200 33.87 -36.75 59.49
C GLU D 200 34.97 -37.76 59.76
N LEU D 201 35.71 -38.15 58.73
CA LEU D 201 36.87 -39.02 58.90
C LEU D 201 38.00 -38.28 59.60
N ILE D 202 38.27 -37.05 59.17
CA ILE D 202 39.47 -36.34 59.59
C ILE D 202 39.28 -35.63 60.92
N THR D 203 38.15 -34.93 61.08
CA THR D 203 37.86 -34.16 62.27
C THR D 203 37.73 -35.02 63.52
N ARG D 204 37.19 -36.23 63.40
CA ARG D 204 36.99 -37.12 64.54
C ARG D 204 38.31 -37.78 64.91
N PRO D 205 38.75 -37.66 66.17
CA PRO D 205 39.86 -38.46 66.73
C PRO D 205 39.37 -39.72 67.44
N GLY D 206 38.99 -40.72 66.66
CA GLY D 206 38.37 -41.91 67.20
C GLY D 206 39.34 -42.81 67.93
N LEU D 207 38.82 -43.99 68.32
CA LEU D 207 39.66 -45.00 68.97
C LEU D 207 40.76 -45.48 68.04
N MET D 208 40.45 -45.65 66.75
CA MET D 208 41.45 -45.73 65.71
C MET D 208 41.34 -44.47 64.87
N ASN D 209 42.47 -43.83 64.60
CA ASN D 209 42.47 -42.48 64.06
C ASN D 209 43.14 -42.48 62.69
N VAL D 210 42.34 -42.38 61.65
CA VAL D 210 42.82 -42.10 60.31
C VAL D 210 42.94 -40.59 60.18
N ASP D 211 44.01 -40.14 59.53
CA ASP D 211 44.38 -38.73 59.48
C ASP D 211 44.93 -38.42 58.09
N PHE D 212 45.63 -37.30 57.95
CA PHE D 212 46.18 -36.87 56.67
C PHE D 212 47.18 -37.84 56.06
N ALA D 213 47.88 -38.62 56.89
CA ALA D 213 49.04 -39.38 56.42
C ALA D 213 48.65 -40.46 55.42
N ASP D 214 47.67 -41.29 55.77
CA ASP D 214 47.26 -42.36 54.86
C ASP D 214 46.24 -41.87 53.84
N VAL D 215 45.62 -40.71 54.08
CA VAL D 215 44.66 -40.18 53.12
C VAL D 215 45.36 -39.78 51.82
N ARG D 216 46.49 -39.08 51.93
CA ARG D 216 47.14 -38.49 50.76
C ARG D 216 47.67 -39.56 49.81
N THR D 217 48.17 -40.67 50.35
CA THR D 217 48.81 -41.69 49.52
C THR D 217 47.82 -42.58 48.78
N VAL D 218 46.52 -42.44 49.00
CA VAL D 218 45.55 -43.31 48.35
C VAL D 218 45.16 -42.78 46.98
N MET D 219 44.65 -41.54 46.91
CA MET D 219 44.11 -41.04 45.65
C MET D 219 45.18 -40.37 44.79
N SER D 220 46.45 -40.46 45.17
CA SER D 220 47.55 -39.96 44.35
C SER D 220 47.96 -40.94 43.26
N GLU D 221 47.11 -41.92 42.93
CA GLU D 221 47.39 -42.87 41.86
C GLU D 221 47.03 -42.33 40.48
N MET D 222 46.47 -41.12 40.42
CA MET D 222 46.20 -40.38 39.18
C MET D 222 45.24 -41.15 38.28
N GLY D 223 44.03 -41.37 38.78
CA GLY D 223 43.01 -42.06 38.01
C GLY D 223 41.60 -41.68 38.42
N TYR D 224 40.61 -42.40 37.89
CA TYR D 224 39.22 -42.16 38.25
C TYR D 224 38.97 -42.57 39.71
N ALA D 225 38.03 -41.87 40.34
CA ALA D 225 37.76 -42.05 41.75
C ALA D 225 36.27 -42.29 41.98
N MET D 226 35.94 -42.69 43.20
CA MET D 226 34.56 -42.91 43.60
C MET D 226 34.53 -42.78 45.11
N MET D 227 33.61 -41.97 45.64
CA MET D 227 33.57 -41.66 47.06
C MET D 227 32.13 -41.58 47.51
N GLY D 228 31.69 -42.59 48.27
CA GLY D 228 30.34 -42.61 48.80
C GLY D 228 30.32 -43.21 50.19
N SER D 229 29.21 -42.98 50.89
CA SER D 229 29.06 -43.40 52.27
C SER D 229 27.78 -44.22 52.42
N GLY D 230 27.93 -45.49 52.77
CA GLY D 230 26.79 -46.37 52.97
C GLY D 230 26.47 -46.49 54.45
N VAL D 231 25.18 -46.40 54.78
CA VAL D 231 24.69 -46.44 56.14
C VAL D 231 23.72 -47.59 56.27
N ALA D 232 23.96 -48.47 57.24
CA ALA D 232 23.09 -49.62 57.46
C ALA D 232 22.88 -49.83 58.95
N SER D 233 21.77 -50.48 59.29
CA SER D 233 21.44 -50.82 60.67
C SER D 233 20.62 -52.11 60.66
N GLY D 234 21.04 -53.08 61.46
CA GLY D 234 20.33 -54.34 61.54
C GLY D 234 21.26 -55.43 62.04
N GLU D 235 20.83 -56.68 61.83
CA GLU D 235 21.64 -57.81 62.23
C GLU D 235 22.83 -58.01 61.28
N ASP D 236 22.60 -57.86 59.98
CA ASP D 236 23.65 -57.96 58.98
C ASP D 236 23.96 -56.60 58.38
N ARG D 237 24.02 -55.58 59.24
CA ARG D 237 24.31 -54.20 58.83
C ARG D 237 25.72 -54.03 58.27
N ALA D 238 26.61 -55.00 58.47
CA ALA D 238 27.94 -54.91 57.88
C ALA D 238 27.89 -55.06 56.37
N GLU D 239 27.17 -56.09 55.89
CA GLU D 239 27.14 -56.34 54.45
C GLU D 239 26.26 -55.34 53.73
N GLU D 240 25.21 -54.84 54.40
CA GLU D 240 24.35 -53.84 53.77
C GLU D 240 25.06 -52.50 53.65
N ALA D 241 25.92 -52.17 54.62
CA ALA D 241 26.69 -50.94 54.53
C ALA D 241 27.84 -51.06 53.54
N ALA D 242 28.50 -52.22 53.51
CA ALA D 242 29.64 -52.39 52.61
C ALA D 242 29.20 -52.44 51.15
N GLU D 243 28.07 -53.10 50.87
CA GLU D 243 27.60 -53.19 49.50
C GLU D 243 26.97 -51.90 49.01
N MET D 244 26.37 -51.12 49.90
CA MET D 244 25.82 -49.83 49.50
C MET D 244 26.94 -48.83 49.21
N ALA D 245 27.96 -48.81 50.07
CA ALA D 245 29.06 -47.85 49.90
C ALA D 245 29.89 -48.16 48.67
N ILE D 246 29.98 -49.44 48.27
CA ILE D 246 30.75 -49.78 47.08
C ILE D 246 29.94 -49.60 45.81
N SER D 247 28.61 -49.55 45.91
CA SER D 247 27.75 -49.38 44.75
C SER D 247 27.51 -47.89 44.52
N SER D 248 27.87 -47.41 43.34
CA SER D 248 27.61 -46.04 42.92
C SER D 248 26.72 -46.12 41.69
N PRO D 249 25.41 -46.00 41.85
CA PRO D 249 24.49 -46.16 40.72
C PRO D 249 24.53 -45.02 39.72
N LEU D 250 25.15 -43.89 40.07
CA LEU D 250 25.12 -42.68 39.26
C LEU D 250 26.34 -42.55 38.34
N LEU D 251 26.93 -43.67 37.92
CA LEU D 251 28.08 -43.67 37.02
C LEU D 251 27.82 -44.61 35.85
N GLU D 252 28.52 -44.34 34.74
CA GLU D 252 28.45 -45.17 33.54
C GLU D 252 28.95 -46.58 33.81
N ASP D 253 30.24 -46.71 34.11
CA ASP D 253 30.85 -47.98 34.44
C ASP D 253 31.83 -47.71 35.57
N ILE D 254 31.56 -48.28 36.74
CA ILE D 254 32.38 -47.99 37.91
C ILE D 254 33.77 -48.61 37.77
N ASP D 255 33.85 -49.80 37.17
CA ASP D 255 35.10 -50.50 36.84
C ASP D 255 35.99 -50.68 38.07
N LEU D 256 35.44 -51.35 39.09
CA LEU D 256 36.17 -51.53 40.34
C LEU D 256 37.35 -52.47 40.19
N SER D 257 37.36 -53.33 39.17
CA SER D 257 38.48 -54.21 38.93
C SER D 257 39.69 -53.39 38.46
N GLY D 258 40.87 -53.77 38.96
CA GLY D 258 42.08 -53.06 38.59
C GLY D 258 42.29 -51.73 39.29
N ALA D 259 41.76 -51.57 40.50
CA ALA D 259 41.96 -50.35 41.25
C ALA D 259 43.38 -50.28 41.79
N ARG D 260 43.83 -49.05 42.08
CA ARG D 260 45.17 -48.82 42.61
C ARG D 260 45.20 -48.14 43.98
N GLY D 261 44.05 -47.77 44.54
CA GLY D 261 44.03 -47.19 45.87
C GLY D 261 42.68 -47.32 46.54
N VAL D 262 42.65 -47.84 47.77
CA VAL D 262 41.42 -48.08 48.51
C VAL D 262 41.55 -47.45 49.89
N LEU D 263 40.53 -46.69 50.30
CA LEU D 263 40.51 -46.08 51.62
C LEU D 263 39.15 -46.38 52.26
N VAL D 264 39.17 -47.06 53.41
CA VAL D 264 37.97 -47.54 54.06
C VAL D 264 37.91 -46.97 55.48
N ASN D 265 36.73 -46.46 55.85
CA ASN D 265 36.48 -46.00 57.21
C ASN D 265 35.26 -46.75 57.75
N ILE D 266 35.38 -47.25 58.98
CA ILE D 266 34.33 -48.02 59.63
C ILE D 266 33.90 -47.26 60.88
N THR D 267 32.59 -47.04 61.03
CA THR D 267 32.06 -46.32 62.18
C THR D 267 31.00 -47.19 62.84
N ALA D 268 31.16 -47.43 64.14
CA ALA D 268 30.20 -48.25 64.89
C ALA D 268 30.31 -47.88 66.37
N GLY D 269 29.30 -48.29 67.13
CA GLY D 269 29.31 -48.09 68.56
C GLY D 269 30.14 -49.14 69.27
N PHE D 270 30.13 -49.08 70.61
CA PHE D 270 30.93 -49.99 71.42
C PHE D 270 30.44 -51.43 71.39
N ASP D 271 29.28 -51.69 70.78
CA ASP D 271 28.83 -53.04 70.52
C ASP D 271 29.36 -53.61 69.21
N LEU D 272 30.48 -53.06 68.70
CA LEU D 272 31.03 -53.49 67.42
C LEU D 272 31.61 -54.89 67.56
N ARG D 273 31.26 -55.76 66.62
CA ARG D 273 31.72 -57.14 66.60
C ARG D 273 32.85 -57.27 65.58
N LEU D 274 33.82 -58.15 65.88
CA LEU D 274 34.91 -58.37 64.93
C LEU D 274 34.42 -59.03 63.65
N ASP D 275 33.27 -59.71 63.69
CA ASP D 275 32.66 -60.21 62.46
C ASP D 275 32.10 -59.08 61.62
N GLU D 276 31.69 -57.97 62.25
CA GLU D 276 31.20 -56.82 61.49
C GLU D 276 32.32 -56.21 60.66
N PHE D 277 33.54 -56.16 61.20
CA PHE D 277 34.66 -55.56 60.47
C PHE D 277 35.11 -56.47 59.33
N GLU D 278 35.16 -57.79 59.57
CA GLU D 278 35.75 -58.70 58.61
C GLU D 278 34.93 -58.78 57.33
N THR D 279 33.60 -58.89 57.47
CA THR D 279 32.73 -59.03 56.30
C THR D 279 32.72 -57.77 55.44
N VAL D 280 32.83 -56.59 56.07
CA VAL D 280 33.06 -55.37 55.30
C VAL D 280 34.41 -55.44 54.60
N GLY D 281 35.44 -55.91 55.32
CA GLY D 281 36.74 -56.06 54.72
C GLY D 281 36.83 -57.19 53.72
N ASN D 282 35.96 -58.20 53.86
CA ASN D 282 36.00 -59.33 52.94
C ASN D 282 35.58 -58.93 51.53
N THR D 283 34.55 -58.11 51.40
CA THR D 283 34.07 -57.71 50.08
C THR D 283 34.93 -56.63 49.43
N ILE D 284 35.87 -56.05 50.18
CA ILE D 284 36.76 -55.03 49.61
C ILE D 284 38.06 -55.67 49.11
N ARG D 285 38.56 -56.68 49.81
CA ARG D 285 39.76 -57.40 49.36
C ARG D 285 39.51 -58.24 48.12
N ALA D 286 38.25 -58.47 47.73
CA ALA D 286 37.96 -59.32 46.58
C ALA D 286 38.38 -58.65 45.28
N PHE D 287 37.98 -57.40 45.07
CA PHE D 287 38.35 -56.69 43.84
C PHE D 287 39.64 -55.90 43.98
N ALA D 288 40.16 -55.76 45.21
CA ALA D 288 41.43 -55.08 45.45
C ALA D 288 42.56 -56.07 45.71
N SER D 289 42.47 -57.25 45.11
CA SER D 289 43.47 -58.31 45.27
C SER D 289 44.65 -58.15 44.33
N ASP D 290 44.64 -57.12 43.48
CA ASP D 290 45.73 -56.89 42.54
C ASP D 290 46.91 -56.25 43.27
N ASN D 291 47.91 -55.81 42.51
CA ASN D 291 49.10 -55.17 43.09
C ASN D 291 48.73 -53.73 43.45
N ALA D 292 48.04 -53.60 44.58
CA ALA D 292 47.54 -52.30 45.01
C ALA D 292 47.44 -52.28 46.53
N THR D 293 47.43 -51.07 47.09
CA THR D 293 47.39 -50.87 48.52
C THR D 293 45.97 -50.57 48.99
N VAL D 294 45.67 -51.04 50.20
CA VAL D 294 44.37 -50.84 50.82
C VAL D 294 44.58 -50.25 52.20
N VAL D 295 43.88 -49.14 52.49
CA VAL D 295 43.94 -48.49 53.78
C VAL D 295 42.58 -48.64 54.45
N ILE D 296 42.57 -49.14 55.69
CA ILE D 296 41.35 -49.38 56.44
C ILE D 296 41.34 -48.49 57.68
N GLY D 297 40.16 -48.35 58.27
CA GLY D 297 39.99 -47.51 59.44
C GLY D 297 38.93 -48.08 60.37
N THR D 298 38.78 -47.44 61.53
CA THR D 298 37.83 -47.87 62.53
C THR D 298 37.42 -46.65 63.35
N SER D 299 36.15 -46.57 63.74
CA SER D 299 35.70 -45.52 64.63
C SER D 299 34.76 -46.10 65.68
N LEU D 300 34.90 -45.64 66.92
CA LEU D 300 34.07 -46.10 68.04
C LEU D 300 33.42 -44.87 68.67
N ASP D 301 32.20 -44.56 68.25
CA ASP D 301 31.48 -43.40 68.76
C ASP D 301 30.44 -43.85 69.77
N PRO D 302 30.53 -43.44 71.04
CA PRO D 302 29.62 -43.99 72.06
C PRO D 302 28.22 -43.40 72.06
N ASP D 303 28.08 -42.12 71.68
CA ASP D 303 26.80 -41.45 71.85
C ASP D 303 25.78 -41.90 70.81
N MET D 304 26.22 -42.13 69.57
CA MET D 304 25.31 -42.50 68.50
C MET D 304 24.87 -43.95 68.65
N ASN D 305 23.71 -44.25 68.07
CA ASN D 305 23.01 -45.51 68.30
C ASN D 305 23.62 -46.64 67.47
N ASP D 306 22.89 -47.75 67.37
CA ASP D 306 23.34 -48.96 66.67
C ASP D 306 23.44 -48.78 65.16
N GLU D 307 23.12 -47.61 64.62
CA GLU D 307 23.35 -47.33 63.21
C GLU D 307 24.85 -47.39 62.90
N LEU D 308 25.19 -48.04 61.79
CA LEU D 308 26.57 -48.22 61.38
C LEU D 308 26.80 -47.51 60.05
N ARG D 309 28.03 -46.99 59.88
CA ARG D 309 28.40 -46.22 58.70
C ARG D 309 29.70 -46.78 58.13
N VAL D 310 29.76 -46.85 56.79
CA VAL D 310 30.96 -47.28 56.08
C VAL D 310 31.23 -46.29 54.96
N THR D 311 32.44 -45.74 54.92
CA THR D 311 32.87 -44.83 53.87
C THR D 311 34.02 -45.48 53.12
N VAL D 312 33.88 -45.62 51.81
CA VAL D 312 34.87 -46.28 50.96
C VAL D 312 35.28 -45.33 49.84
N VAL D 313 36.58 -45.13 49.68
CA VAL D 313 37.14 -44.35 48.59
C VAL D 313 38.00 -45.27 47.75
N ALA D 314 37.74 -45.31 46.45
CA ALA D 314 38.45 -46.18 45.51
C ALA D 314 38.94 -45.34 44.33
N THR D 315 40.23 -45.03 44.33
CA THR D 315 40.86 -44.22 43.29
C THR D 315 41.93 -45.04 42.59
N GLY D 316 42.09 -44.82 41.29
CA GLY D 316 43.10 -45.53 40.53
C GLY D 316 42.49 -46.55 39.58
N ILE D 317 41.35 -46.18 38.99
CA ILE D 317 40.63 -47.07 38.09
C ILE D 317 41.42 -47.19 36.79
N GLY D 318 42.02 -48.36 36.55
CA GLY D 318 42.80 -48.59 35.36
C GLY D 318 42.47 -49.90 34.67
#